data_6FON
#
_entry.id   6FON
#
_cell.length_a   172.481
_cell.length_b   172.481
_cell.length_c   219.244
_cell.angle_alpha   90.00
_cell.angle_beta   90.00
_cell.angle_gamma   120.00
#
_symmetry.space_group_name_H-M   'H 3 2'
#
loop_
_entity.id
_entity.type
_entity.pdbx_description
1 polymer 'Copper chaperone for superoxide dismutase'
2 polymer 'Superoxide dismutase [Cu-Zn]'
3 non-polymer 'ZINC ION'
4 water water
#
loop_
_entity_poly.entity_id
_entity_poly.type
_entity_poly.pdbx_seq_one_letter_code
_entity_poly.pdbx_strand_id
1 'polypeptide(L)'
;QGTLCTLEFAVQMTSQSSVDAVRKSLQGVAGVQDVEVHLEDQMVLVHTTLPSQEVQALLEGTGRQAVLKGMGSGQLQNLG
AAVAILGGPGTVQGVVRFLQLTPERCLIEGTIDGLEPGLHGLHVHQYGDLTNNCNSCGNHFNPDGASHGGPQDSDRHRGD
LGNVRADADGRAIFRMEDEQLKVWDVIGRSLIIDEGEDDLGRGGHPLSKITGNSGERLACGIIARSAGLFQNPKQICSCD
GLTIWEERGRPI
;
A,C
2 'polypeptide(L)'
;ATKAVCVLKGDGPVQGIINFEQKESNGPVKVWGSIKGLTEGLHGFHVHEFGDNTAGATSAGPHFNPLSRKHGGPKDEERH
VGDLGNVTADKDGVADVSIEDSVISLSGDHCIIGRTLVVHEKADDLGKGGNEESTKTGNAGSRLAAGVIGIAQ
;
B,D
#
# COMPACT_ATOMS: atom_id res chain seq x y z
N GLN A 1 8.40 23.40 11.77
CA GLN A 1 7.75 22.43 10.84
C GLN A 1 7.75 22.94 9.38
N GLY A 2 6.91 23.96 9.11
CA GLY A 2 6.56 24.40 7.74
C GLY A 2 5.88 23.28 6.95
N THR A 3 4.72 23.53 6.32
CA THR A 3 3.98 22.41 5.64
C THR A 3 4.36 22.24 4.14
N LEU A 4 4.40 20.97 3.74
CA LEU A 4 4.91 20.55 2.45
C LEU A 4 3.90 20.56 1.35
N CYS A 5 4.24 21.29 0.30
CA CYS A 5 3.64 21.15 -1.01
C CYS A 5 4.63 20.37 -1.94
N THR A 6 4.38 20.45 -3.24
CA THR A 6 5.34 20.04 -4.26
C THR A 6 5.69 21.28 -5.10
N LEU A 7 6.99 21.58 -5.18
CA LEU A 7 7.49 22.71 -5.96
C LEU A 7 8.03 22.29 -7.32
N GLU A 8 7.59 22.99 -8.37
CA GLU A 8 8.07 22.76 -9.74
C GLU A 8 8.95 23.92 -10.21
N PHE A 9 10.25 23.66 -10.40
CA PHE A 9 11.16 24.58 -11.09
C PHE A 9 11.52 24.03 -12.48
N ALA A 10 11.76 24.95 -13.43
CA ALA A 10 12.28 24.65 -14.77
C ALA A 10 13.77 24.93 -14.83
N VAL A 11 14.54 23.95 -15.30
CA VAL A 11 16.00 24.04 -15.35
C VAL A 11 16.49 23.62 -16.75
N GLN A 12 17.45 24.38 -17.32
CA GLN A 12 18.12 23.98 -18.58
C GLN A 12 18.96 22.75 -18.25
N MET A 13 18.49 21.60 -18.73
CA MET A 13 19.16 20.31 -18.55
C MET A 13 19.25 19.59 -19.87
N THR A 14 20.43 18.99 -20.11
CA THR A 14 20.85 18.46 -21.42
C THR A 14 21.53 17.08 -21.32
N SER A 15 22.59 17.04 -20.51
CA SER A 15 23.40 15.85 -20.25
C SER A 15 22.93 15.12 -19.00
N GLN A 16 23.23 13.82 -18.92
CA GLN A 16 23.01 13.06 -17.69
C GLN A 16 23.84 13.60 -16.49
N SER A 17 25.00 14.22 -16.76
CA SER A 17 25.84 14.78 -15.68
C SER A 17 25.26 16.04 -15.04
N SER A 18 24.47 16.80 -15.81
CA SER A 18 23.69 17.94 -15.28
C SER A 18 22.62 17.45 -14.30
N VAL A 19 21.84 16.45 -14.73
CA VAL A 19 20.85 15.79 -13.87
C VAL A 19 21.50 15.20 -12.61
N ASP A 20 22.66 14.57 -12.76
CA ASP A 20 23.42 14.11 -11.61
C ASP A 20 23.66 15.26 -10.63
N ALA A 21 24.01 16.45 -11.16
CA ALA A 21 24.29 17.64 -10.34
C ALA A 21 23.05 18.24 -9.66
N VAL A 22 21.93 18.33 -10.40
CA VAL A 22 20.67 18.86 -9.83
C VAL A 22 20.22 18.00 -8.63
N ARG A 23 20.10 16.69 -8.82
CA ARG A 23 19.79 15.76 -7.72
C ARG A 23 20.78 15.91 -6.56
N LYS A 24 22.06 16.12 -6.91
CA LYS A 24 23.16 16.31 -5.95
C LYS A 24 22.89 17.43 -4.94
N SER A 25 22.38 18.56 -5.44
CA SER A 25 22.09 19.74 -4.57
C SER A 25 20.97 19.53 -3.55
N LEU A 26 20.01 18.66 -3.87
CA LEU A 26 18.88 18.32 -2.99
C LEU A 26 18.97 16.91 -2.39
N GLN A 27 20.02 16.15 -2.71
CA GLN A 27 20.18 14.78 -2.20
C GLN A 27 20.41 14.91 -0.70
N GLY A 28 19.51 14.30 0.07
CA GLY A 28 19.60 14.26 1.55
C GLY A 28 19.77 15.60 2.27
N VAL A 29 19.15 16.65 1.76
CA VAL A 29 19.14 17.96 2.41
C VAL A 29 18.08 17.92 3.53
N ALA A 30 18.31 18.72 4.56
CA ALA A 30 17.36 18.85 5.66
C ALA A 30 16.00 19.35 5.18
N GLY A 31 14.98 18.49 5.32
CA GLY A 31 13.58 18.85 5.06
C GLY A 31 13.05 18.70 3.65
N VAL A 32 13.83 18.12 2.75
CA VAL A 32 13.37 17.80 1.40
C VAL A 32 12.99 16.33 1.38
N GLN A 33 11.74 16.03 1.10
CA GLN A 33 11.26 14.65 1.13
C GLN A 33 11.74 13.90 -0.12
N ASP A 34 11.33 14.36 -1.30
CA ASP A 34 11.50 13.61 -2.54
C ASP A 34 11.87 14.55 -3.65
N VAL A 35 12.72 14.07 -4.57
CA VAL A 35 13.10 14.83 -5.75
C VAL A 35 12.78 13.99 -6.98
N GLU A 36 12.41 14.66 -8.05
CA GLU A 36 12.00 14.01 -9.29
C GLU A 36 12.35 14.99 -10.40
N VAL A 37 12.91 14.48 -11.50
CA VAL A 37 13.59 15.30 -12.49
C VAL A 37 13.28 14.85 -13.92
N HIS A 38 12.19 15.37 -14.47
CA HIS A 38 11.71 14.99 -15.79
C HIS A 38 12.54 15.69 -16.88
N LEU A 39 13.58 14.99 -17.36
CA LEU A 39 14.56 15.55 -18.32
C LEU A 39 14.01 15.77 -19.73
N GLU A 40 12.94 15.08 -20.14
CA GLU A 40 12.25 15.47 -21.38
C GLU A 40 11.68 16.89 -21.17
N ASP A 41 10.98 17.08 -20.05
CA ASP A 41 10.38 18.39 -19.71
C ASP A 41 11.39 19.48 -19.28
N GLN A 42 12.63 19.11 -18.94
CA GLN A 42 13.62 20.04 -18.40
C GLN A 42 13.05 20.72 -17.13
N MET A 43 12.61 19.88 -16.18
CA MET A 43 11.82 20.28 -15.00
C MET A 43 12.24 19.50 -13.74
N VAL A 44 12.09 20.11 -12.56
CA VAL A 44 12.44 19.45 -11.29
C VAL A 44 11.37 19.62 -10.20
N LEU A 45 10.58 18.58 -9.99
CA LEU A 45 9.52 18.60 -8.97
C LEU A 45 10.13 18.26 -7.61
N VAL A 46 9.77 19.03 -6.59
CA VAL A 46 10.41 18.92 -5.28
C VAL A 46 9.37 18.84 -4.18
N HIS A 47 9.17 17.63 -3.65
N HIS A 47 9.17 17.63 -3.66
CA HIS A 47 8.28 17.40 -2.51
CA HIS A 47 8.27 17.40 -2.52
C HIS A 47 9.01 17.87 -1.26
C HIS A 47 9.01 17.87 -1.26
N THR A 48 8.67 19.06 -0.76
CA THR A 48 9.39 19.67 0.38
C THR A 48 8.61 20.69 1.21
N THR A 49 8.93 20.72 2.50
CA THR A 49 8.43 21.72 3.45
C THR A 49 9.10 23.08 3.27
N LEU A 50 10.29 23.10 2.68
CA LEU A 50 11.09 24.30 2.65
C LEU A 50 10.45 25.38 1.77
N PRO A 51 10.74 26.66 2.06
CA PRO A 51 10.38 27.79 1.21
C PRO A 51 10.97 27.74 -0.18
N SER A 52 10.32 28.42 -1.11
CA SER A 52 10.74 28.46 -2.49
C SER A 52 12.07 29.20 -2.67
N GLN A 53 12.29 30.23 -1.84
CA GLN A 53 13.56 30.98 -1.87
C GLN A 53 14.72 30.03 -1.61
N GLU A 54 14.66 29.37 -0.46
CA GLU A 54 15.70 28.46 0.03
C GLU A 54 16.05 27.35 -0.96
N VAL A 55 15.01 26.69 -1.47
CA VAL A 55 15.17 25.59 -2.44
C VAL A 55 15.71 26.06 -3.79
N GLN A 56 15.29 27.24 -4.25
CA GLN A 56 15.85 27.81 -5.48
C GLN A 56 17.35 28.10 -5.32
N ALA A 57 17.75 28.59 -4.15
CA ALA A 57 19.16 28.86 -3.84
C ALA A 57 20.03 27.59 -3.83
N LEU A 58 19.49 26.46 -3.36
CA LEU A 58 20.23 25.18 -3.35
C LEU A 58 20.43 24.61 -4.75
N LEU A 59 19.41 24.71 -5.62
CA LEU A 59 19.54 24.39 -7.04
C LEU A 59 20.51 25.34 -7.73
N GLU A 60 20.31 26.65 -7.53
CA GLU A 60 21.22 27.67 -8.08
C GLU A 60 22.66 27.66 -7.50
N GLY A 61 22.85 27.08 -6.31
CA GLY A 61 24.18 26.91 -5.72
C GLY A 61 25.19 26.09 -6.53
N THR A 62 24.69 25.12 -7.30
CA THR A 62 25.51 24.40 -8.29
C THR A 62 26.04 25.37 -9.36
N GLY A 63 25.18 26.29 -9.78
CA GLY A 63 25.48 27.27 -10.82
C GLY A 63 24.50 27.33 -11.97
N ARG A 64 23.31 26.78 -11.79
CA ARG A 64 22.31 26.74 -12.83
C ARG A 64 21.13 27.61 -12.44
N GLN A 65 20.56 28.39 -13.37
CA GLN A 65 19.40 29.24 -13.06
C GLN A 65 18.12 28.40 -13.04
N ALA A 66 17.40 28.48 -11.91
CA ALA A 66 16.21 27.66 -11.64
C ALA A 66 14.91 28.50 -11.51
N VAL A 67 14.27 28.78 -12.65
CA VAL A 67 12.97 29.49 -12.68
C VAL A 67 11.82 28.61 -12.14
N LEU A 68 11.17 29.05 -11.06
CA LEU A 68 9.95 28.39 -10.56
C LEU A 68 8.76 28.66 -11.50
N LYS A 69 8.02 27.60 -11.85
CA LYS A 69 6.83 27.72 -12.72
C LYS A 69 5.51 27.19 -12.10
N GLY A 70 5.55 26.63 -10.89
CA GLY A 70 4.32 26.20 -10.22
C GLY A 70 4.49 25.55 -8.85
N MET A 71 3.43 25.61 -8.04
CA MET A 71 3.37 24.89 -6.76
C MET A 71 2.00 24.25 -6.60
N GLY A 72 1.99 23.05 -6.04
CA GLY A 72 0.80 22.22 -5.98
C GLY A 72 0.97 21.20 -4.89
N SER A 73 -0.08 20.45 -4.63
CA SER A 73 -0.03 19.37 -3.66
C SER A 73 -1.00 18.32 -4.14
N GLY A 74 -0.46 17.16 -4.44
CA GLY A 74 -1.24 16.05 -4.97
C GLY A 74 -1.98 15.31 -3.87
N GLN A 75 -1.97 15.83 -2.64
CA GLN A 75 -2.96 15.39 -1.63
C GLN A 75 -4.36 15.45 -2.21
N LEU A 76 -5.15 14.42 -1.89
CA LEU A 76 -6.53 14.30 -2.34
C LEU A 76 -7.38 14.39 -1.10
N GLN A 77 -8.60 14.88 -1.28
CA GLN A 77 -9.53 15.02 -0.17
C GLN A 77 -10.95 14.75 -0.63
N ASN A 78 -11.80 14.48 0.36
CA ASN A 78 -13.23 14.22 0.18
C ASN A 78 -13.99 15.50 -0.01
N LEU A 79 -15.11 15.39 -0.70
CA LEU A 79 -16.13 16.42 -0.67
C LEU A 79 -16.53 16.70 0.79
N GLY A 80 -16.79 17.95 1.13
CA GLY A 80 -17.23 18.29 2.50
C GLY A 80 -18.70 18.02 2.79
N ALA A 81 -19.01 17.68 4.03
CA ALA A 81 -20.39 17.34 4.42
C ALA A 81 -20.76 17.87 5.78
N ALA A 82 -22.04 18.16 5.97
CA ALA A 82 -22.52 18.75 7.22
C ALA A 82 -23.99 18.49 7.45
N VAL A 83 -24.38 18.70 8.70
CA VAL A 83 -25.76 18.50 9.12
C VAL A 83 -26.20 19.54 10.14
N ALA A 84 -27.47 19.93 10.06
CA ALA A 84 -28.08 20.82 11.03
C ALA A 84 -29.30 20.11 11.55
N ILE A 85 -29.42 20.08 12.88
CA ILE A 85 -30.60 19.59 13.57
C ILE A 85 -31.44 20.78 14.08
N LEU A 86 -32.68 20.89 13.62
CA LEU A 86 -33.55 21.99 13.99
C LEU A 86 -34.44 21.63 15.18
N GLY A 87 -34.34 22.44 16.24
CA GLY A 87 -35.24 22.35 17.40
C GLY A 87 -35.61 23.74 17.86
N GLY A 88 -36.45 23.84 18.88
CA GLY A 88 -36.89 25.14 19.39
C GLY A 88 -38.06 25.02 20.37
N PRO A 89 -38.75 26.14 20.64
CA PRO A 89 -39.98 26.06 21.44
C PRO A 89 -41.07 25.25 20.70
N GLY A 90 -41.38 24.07 21.25
CA GLY A 90 -42.59 23.35 20.84
C GLY A 90 -42.44 22.38 19.66
N THR A 91 -43.35 22.47 18.69
CA THR A 91 -43.67 21.31 17.83
C THR A 91 -42.58 21.00 16.78
N VAL A 92 -41.81 22.02 16.35
CA VAL A 92 -40.99 21.92 15.11
C VAL A 92 -39.63 21.26 15.31
N GLN A 93 -39.35 20.24 14.50
CA GLN A 93 -38.17 19.42 14.61
C GLN A 93 -37.79 18.93 13.21
N GLY A 94 -36.50 18.76 12.96
CA GLY A 94 -36.05 18.37 11.64
C GLY A 94 -34.56 18.22 11.51
N VAL A 95 -34.15 17.54 10.45
CA VAL A 95 -32.75 17.29 10.13
C VAL A 95 -32.52 17.73 8.69
N VAL A 96 -31.48 18.50 8.47
CA VAL A 96 -31.09 18.95 7.14
C VAL A 96 -29.60 18.68 6.94
N ARG A 97 -29.29 17.99 5.84
CA ARG A 97 -27.93 17.58 5.50
C ARG A 97 -27.41 18.33 4.26
N PHE A 98 -26.10 18.62 4.29
CA PHE A 98 -25.40 19.37 3.28
C PHE A 98 -24.27 18.53 2.74
N LEU A 99 -24.03 18.60 1.44
CA LEU A 99 -22.93 17.89 0.79
C LEU A 99 -22.41 18.68 -0.39
N GLN A 100 -21.11 18.99 -0.37
CA GLN A 100 -20.52 19.83 -1.39
C GLN A 100 -20.14 18.97 -2.58
N LEU A 101 -21.06 18.83 -3.55
CA LEU A 101 -20.84 17.96 -4.71
C LEU A 101 -19.63 18.34 -5.55
N THR A 102 -19.55 19.61 -5.89
CA THR A 102 -18.43 20.22 -6.59
C THR A 102 -18.09 21.45 -5.78
N PRO A 103 -16.90 22.02 -5.96
CA PRO A 103 -16.67 23.25 -5.23
C PRO A 103 -17.58 24.41 -5.60
N GLU A 104 -18.34 24.28 -6.70
CA GLU A 104 -19.33 25.28 -7.08
C GLU A 104 -20.80 24.87 -6.78
N ARG A 105 -21.05 23.65 -6.33
CA ARG A 105 -22.42 23.19 -6.16
C ARG A 105 -22.62 22.45 -4.85
N CYS A 106 -23.53 22.93 -4.01
CA CYS A 106 -23.84 22.30 -2.75
C CYS A 106 -25.21 21.67 -2.82
N LEU A 107 -25.34 20.47 -2.26
CA LEU A 107 -26.60 19.76 -2.23
C LEU A 107 -27.16 19.81 -0.82
N ILE A 108 -28.39 20.28 -0.70
CA ILE A 108 -29.11 20.39 0.57
C ILE A 108 -30.32 19.50 0.47
N GLU A 109 -30.60 18.76 1.53
CA GLU A 109 -31.64 17.72 1.53
C GLU A 109 -32.04 17.44 2.96
N GLY A 110 -33.32 17.59 3.25
CA GLY A 110 -33.81 17.39 4.61
C GLY A 110 -35.31 17.26 4.78
N THR A 111 -35.69 17.14 6.05
CA THR A 111 -37.02 16.78 6.52
C THR A 111 -37.38 17.58 7.77
N ILE A 112 -38.47 18.34 7.75
CA ILE A 112 -38.87 19.16 8.91
C ILE A 112 -40.36 18.96 9.25
N ASP A 113 -40.64 18.46 10.46
CA ASP A 113 -42.00 18.11 10.93
C ASP A 113 -42.59 19.15 11.87
N GLY A 114 -43.92 19.22 11.93
CA GLY A 114 -44.65 20.10 12.85
C GLY A 114 -44.87 21.52 12.34
N LEU A 115 -45.06 21.67 11.03
CA LEU A 115 -45.24 22.98 10.39
C LEU A 115 -46.69 23.18 9.96
N GLU A 116 -47.17 24.41 10.07
CA GLU A 116 -48.56 24.73 9.67
C GLU A 116 -48.63 24.71 8.15
N PRO A 117 -49.24 23.65 7.55
CA PRO A 117 -49.09 23.35 6.10
C PRO A 117 -48.99 24.52 5.12
N GLY A 118 -48.14 24.38 4.10
CA GLY A 118 -47.86 25.45 3.13
C GLY A 118 -46.40 25.88 3.16
N LEU A 119 -46.15 27.10 2.69
CA LEU A 119 -44.78 27.60 2.45
C LEU A 119 -44.13 28.29 3.63
N HIS A 120 -42.89 27.89 3.95
CA HIS A 120 -42.11 28.49 5.03
C HIS A 120 -40.71 28.85 4.55
N GLY A 121 -40.27 30.06 4.92
CA GLY A 121 -38.91 30.50 4.67
C GLY A 121 -37.88 29.64 5.38
N LEU A 122 -36.82 29.31 4.65
CA LEU A 122 -35.66 28.55 5.14
C LEU A 122 -34.43 29.36 4.80
N HIS A 123 -33.60 29.68 5.79
CA HIS A 123 -32.43 30.55 5.59
C HIS A 123 -31.26 30.15 6.47
N VAL A 124 -30.05 30.31 5.96
CA VAL A 124 -28.86 30.20 6.78
C VAL A 124 -28.64 31.58 7.37
N HIS A 125 -28.48 31.61 8.69
CA HIS A 125 -28.18 32.85 9.39
C HIS A 125 -26.72 32.93 9.79
N GLN A 126 -26.32 34.10 10.22
CA GLN A 126 -24.94 34.46 10.46
C GLN A 126 -24.25 33.70 11.60
N TYR A 127 -24.91 33.56 12.74
CA TYR A 127 -24.28 32.98 13.93
C TYR A 127 -24.92 31.69 14.36
N GLY A 128 -24.13 30.84 15.00
CA GLY A 128 -24.60 29.57 15.56
C GLY A 128 -24.81 29.78 17.05
N ASP A 129 -25.65 30.76 17.37
CA ASP A 129 -25.85 31.18 18.76
C ASP A 129 -27.26 30.82 19.16
N LEU A 130 -27.40 29.70 19.85
CA LEU A 130 -28.71 29.25 20.30
C LEU A 130 -29.09 29.69 21.72
N THR A 131 -28.44 30.73 22.23
CA THR A 131 -28.63 31.17 23.62
C THR A 131 -30.04 31.69 23.91
N ASN A 132 -30.64 32.35 22.92
CA ASN A 132 -31.93 33.01 23.06
C ASN A 132 -32.91 32.46 22.03
N ASN A 133 -33.08 31.14 22.04
CA ASN A 133 -33.76 30.43 20.95
C ASN A 133 -33.19 30.88 19.60
N CYS A 134 -34.05 31.21 18.64
CA CYS A 134 -33.63 31.45 17.28
C CYS A 134 -33.40 32.92 17.02
N ASN A 135 -33.47 33.76 18.05
CA ASN A 135 -33.35 35.19 17.88
C ASN A 135 -31.94 35.69 18.07
N SER A 136 -31.12 34.90 18.76
CA SER A 136 -29.69 35.20 18.90
C SER A 136 -28.86 34.92 17.64
N CYS A 137 -29.44 34.25 16.64
CA CYS A 137 -28.71 33.78 15.45
C CYS A 137 -28.33 34.85 14.42
N GLY A 138 -28.76 36.08 14.61
CA GLY A 138 -28.37 37.16 13.72
C GLY A 138 -29.15 37.13 12.42
N ASN A 139 -28.69 37.91 11.47
CA ASN A 139 -29.36 38.03 10.18
C ASN A 139 -29.12 36.86 9.26
N HIS A 140 -29.87 36.88 8.17
CA HIS A 140 -29.57 36.10 6.98
C HIS A 140 -28.08 36.26 6.66
N PHE A 141 -27.42 35.14 6.39
CA PHE A 141 -25.98 35.13 6.08
C PHE A 141 -25.71 35.93 4.80
N ASN A 142 -24.93 36.99 4.87
CA ASN A 142 -24.81 37.93 3.75
C ASN A 142 -23.41 38.56 3.63
N PRO A 143 -22.38 37.73 3.42
CA PRO A 143 -21.03 38.24 3.31
C PRO A 143 -20.78 39.10 2.08
N ASP A 144 -21.61 39.00 1.06
CA ASP A 144 -21.44 39.80 -0.16
C ASP A 144 -22.22 41.14 -0.16
N GLY A 145 -22.91 41.44 0.93
CA GLY A 145 -23.70 42.67 1.03
C GLY A 145 -24.76 42.84 -0.03
N ALA A 146 -25.50 41.77 -0.27
CA ALA A 146 -26.59 41.77 -1.22
C ALA A 146 -27.90 42.09 -0.51
N SER A 147 -28.93 42.31 -1.31
CA SER A 147 -30.29 42.52 -0.84
C SER A 147 -30.95 41.17 -0.82
N HIS A 148 -31.98 40.99 0.02
CA HIS A 148 -32.66 39.70 0.14
C HIS A 148 -33.31 39.34 -1.18
N GLY A 149 -33.34 38.04 -1.46
CA GLY A 149 -33.83 37.50 -2.71
C GLY A 149 -34.28 36.06 -2.53
N GLY A 150 -34.74 35.47 -3.63
CA GLY A 150 -35.10 34.06 -3.69
C GLY A 150 -33.99 33.29 -4.39
N PRO A 151 -34.00 31.97 -4.28
CA PRO A 151 -32.85 31.23 -4.80
C PRO A 151 -32.63 31.38 -6.32
N GLN A 152 -33.66 31.78 -7.07
CA GLN A 152 -33.46 32.05 -8.50
C GLN A 152 -32.99 33.49 -8.84
N ASP A 153 -32.44 34.20 -7.84
CA ASP A 153 -31.92 35.55 -8.03
C ASP A 153 -30.41 35.58 -7.83
N SER A 154 -29.68 36.25 -8.74
CA SER A 154 -28.23 36.41 -8.59
C SER A 154 -27.95 37.27 -7.39
N ASP A 155 -28.65 38.40 -7.31
CA ASP A 155 -28.56 39.27 -6.15
C ASP A 155 -29.43 38.69 -5.05
N ARG A 156 -28.77 38.05 -4.10
CA ARG A 156 -29.42 37.55 -2.90
C ARG A 156 -28.43 37.30 -1.78
N HIS A 157 -28.97 37.09 -0.58
CA HIS A 157 -28.14 36.71 0.55
C HIS A 157 -27.70 35.28 0.30
N ARG A 158 -26.44 34.97 0.56
CA ARG A 158 -25.97 33.60 0.42
C ARG A 158 -26.90 32.62 1.12
N GLY A 159 -27.22 32.97 2.36
CA GLY A 159 -28.16 32.22 3.19
C GLY A 159 -29.59 32.06 2.70
N ASP A 160 -30.01 32.80 1.67
CA ASP A 160 -31.38 32.68 1.16
C ASP A 160 -31.59 31.37 0.39
N LEU A 161 -32.40 30.49 0.94
CA LEU A 161 -32.76 29.23 0.29
C LEU A 161 -34.23 29.14 -0.09
N GLY A 162 -34.95 30.26 -0.08
CA GLY A 162 -36.33 30.27 -0.55
C GLY A 162 -37.28 29.59 0.44
N ASN A 163 -38.27 28.88 -0.09
CA ASN A 163 -39.31 28.29 0.75
C ASN A 163 -39.30 26.79 0.66
N VAL A 164 -39.88 26.14 1.66
CA VAL A 164 -40.19 24.70 1.58
C VAL A 164 -41.65 24.49 1.95
N ARG A 165 -42.26 23.47 1.35
CA ARG A 165 -43.69 23.20 1.50
C ARG A 165 -43.91 22.07 2.50
N ALA A 166 -44.63 22.40 3.58
CA ALA A 166 -45.18 21.41 4.50
C ALA A 166 -46.48 20.78 3.92
N ASP A 167 -46.50 19.46 3.83
CA ASP A 167 -47.66 18.73 3.28
C ASP A 167 -48.87 18.70 4.24
N ALA A 168 -49.88 17.92 3.83
CA ALA A 168 -51.02 17.46 4.66
C ALA A 168 -50.70 17.33 6.16
N ASP A 169 -49.72 16.49 6.48
CA ASP A 169 -49.39 16.13 7.86
C ASP A 169 -48.38 17.09 8.53
N GLY A 170 -48.14 18.27 7.94
CA GLY A 170 -47.27 19.31 8.54
C GLY A 170 -45.77 19.06 8.42
N ARG A 171 -45.37 18.42 7.31
CA ARG A 171 -44.07 17.82 7.13
C ARG A 171 -43.49 18.29 5.79
N ALA A 172 -42.30 18.88 5.81
CA ALA A 172 -41.59 19.29 4.61
C ALA A 172 -40.42 18.33 4.29
N ILE A 173 -40.51 17.70 3.12
CA ILE A 173 -39.43 16.94 2.52
C ILE A 173 -38.91 17.81 1.38
N PHE A 174 -37.58 18.02 1.31
CA PHE A 174 -36.99 18.83 0.24
C PHE A 174 -35.57 18.45 -0.14
N ARG A 175 -35.26 18.60 -1.42
CA ARG A 175 -33.88 18.54 -1.96
C ARG A 175 -33.70 19.82 -2.77
N MET A 176 -32.49 20.36 -2.75
CA MET A 176 -32.14 21.54 -3.55
C MET A 176 -30.64 21.62 -3.73
N GLU A 177 -30.22 22.27 -4.79
CA GLU A 177 -28.83 22.56 -5.05
C GLU A 177 -28.72 24.07 -5.00
N ASP A 178 -27.62 24.56 -4.45
CA ASP A 178 -27.36 26.00 -4.37
C ASP A 178 -25.89 26.17 -4.70
N GLU A 179 -25.62 27.16 -5.54
CA GLU A 179 -24.31 27.43 -6.08
C GLU A 179 -23.50 28.50 -5.30
N GLN A 180 -24.18 29.40 -4.57
CA GLN A 180 -23.54 30.42 -3.74
C GLN A 180 -23.18 29.92 -2.33
N LEU A 181 -24.03 29.04 -1.79
CA LEU A 181 -23.73 28.38 -0.54
C LEU A 181 -22.62 27.31 -0.70
N LYS A 182 -21.78 27.23 0.33
CA LYS A 182 -20.64 26.32 0.38
C LYS A 182 -20.43 25.77 1.79
N VAL A 183 -20.40 24.46 1.93
CA VAL A 183 -20.37 23.86 3.25
C VAL A 183 -19.24 24.41 4.11
N TRP A 184 -18.06 24.60 3.52
CA TRP A 184 -16.90 25.08 4.26
C TRP A 184 -17.13 26.46 4.78
N ASP A 185 -17.95 27.25 4.09
CA ASP A 185 -18.22 28.65 4.42
C ASP A 185 -19.36 28.86 5.43
N VAL A 186 -20.03 27.79 5.86
CA VAL A 186 -21.17 27.87 6.81
C VAL A 186 -21.09 26.95 8.05
N ILE A 187 -20.02 26.17 8.19
CA ILE A 187 -19.84 25.36 9.38
C ILE A 187 -19.84 26.30 10.57
N GLY A 188 -20.72 26.06 11.53
CA GLY A 188 -20.75 26.88 12.73
C GLY A 188 -21.73 28.02 12.66
N ARG A 189 -22.34 28.19 11.50
CA ARG A 189 -23.44 29.13 11.35
C ARG A 189 -24.74 28.36 11.61
N SER A 190 -25.89 28.99 11.45
CA SER A 190 -27.18 28.36 11.81
C SER A 190 -28.14 28.24 10.64
N LEU A 191 -28.92 27.17 10.64
CA LEU A 191 -30.07 27.01 9.74
C LEU A 191 -31.35 27.29 10.50
N ILE A 192 -32.24 28.08 9.92
CA ILE A 192 -33.51 28.47 10.56
C ILE A 192 -34.68 28.33 9.62
N ILE A 193 -35.78 27.76 10.13
CA ILE A 193 -37.04 27.70 9.39
C ILE A 193 -38.07 28.65 10.01
N ASP A 194 -38.92 29.24 9.18
CA ASP A 194 -39.77 30.35 9.57
C ASP A 194 -41.26 30.02 9.66
N GLU A 195 -41.99 30.94 10.31
CA GLU A 195 -43.43 30.81 10.57
C GLU A 195 -44.21 30.74 9.27
N GLY A 196 -43.90 31.68 8.38
CA GLY A 196 -44.59 31.75 7.09
C GLY A 196 -43.69 32.05 5.90
N GLU A 197 -44.34 32.32 4.78
CA GLU A 197 -43.70 32.38 3.48
C GLU A 197 -42.70 33.53 3.37
N ASP A 198 -41.57 33.22 2.74
CA ASP A 198 -40.58 34.18 2.28
C ASP A 198 -41.16 34.73 0.99
N ASP A 199 -41.31 36.05 0.89
CA ASP A 199 -41.84 36.69 -0.34
C ASP A 199 -40.79 36.91 -1.44
N LEU A 200 -39.55 36.50 -1.21
CA LEU A 200 -38.47 36.55 -2.20
C LEU A 200 -38.12 37.98 -2.63
N GLY A 201 -38.40 38.95 -1.76
CA GLY A 201 -38.21 40.35 -2.06
C GLY A 201 -39.27 40.99 -2.96
N ARG A 202 -40.37 40.26 -3.23
CA ARG A 202 -41.38 40.70 -4.19
C ARG A 202 -42.71 41.04 -3.54
N GLY A 203 -42.67 41.42 -2.27
CA GLY A 203 -43.88 41.73 -1.50
C GLY A 203 -44.23 43.23 -1.48
N GLY A 204 -43.23 44.09 -1.70
CA GLY A 204 -43.39 45.53 -1.48
C GLY A 204 -43.77 45.85 -0.04
N HIS A 205 -43.16 45.13 0.90
CA HIS A 205 -43.34 45.32 2.34
C HIS A 205 -41.99 45.86 2.82
N PRO A 206 -41.95 46.55 3.98
CA PRO A 206 -40.64 47.06 4.41
C PRO A 206 -39.57 45.98 4.61
N LEU A 207 -40.00 44.79 5.02
CA LEU A 207 -39.09 43.67 5.27
C LEU A 207 -38.68 42.87 4.02
N SER A 208 -39.37 43.06 2.90
CA SER A 208 -39.11 42.29 1.69
C SER A 208 -37.64 42.24 1.28
N LYS A 209 -37.02 43.42 1.16
CA LYS A 209 -35.61 43.51 0.75
C LYS A 209 -34.62 43.12 1.87
N ILE A 210 -35.12 42.64 3.00
CA ILE A 210 -34.31 42.36 4.19
C ILE A 210 -34.51 40.92 4.73
N THR A 211 -35.76 40.48 4.91
CA THR A 211 -36.04 39.09 5.35
C THR A 211 -37.04 38.31 4.48
N GLY A 212 -37.61 38.99 3.49
CA GLY A 212 -38.76 38.47 2.76
C GLY A 212 -40.04 38.31 3.59
N ASN A 213 -40.11 38.96 4.75
CA ASN A 213 -41.32 39.05 5.57
C ASN A 213 -41.79 37.69 6.07
N SER A 214 -40.85 36.86 6.49
CA SER A 214 -41.09 35.43 6.70
C SER A 214 -41.76 35.08 8.04
N GLY A 215 -41.71 35.99 9.00
CA GLY A 215 -42.42 35.82 10.27
C GLY A 215 -41.51 35.53 11.44
N GLU A 216 -42.07 34.84 12.42
CA GLU A 216 -41.28 34.40 13.58
C GLU A 216 -40.39 33.25 13.13
N ARG A 217 -39.27 33.11 13.80
CA ARG A 217 -38.35 32.01 13.53
C ARG A 217 -38.78 30.83 14.42
N LEU A 218 -39.25 29.74 13.85
CA LEU A 218 -39.79 28.60 14.63
C LEU A 218 -38.72 27.70 15.21
N ALA A 219 -37.77 27.30 14.39
CA ALA A 219 -36.77 26.31 14.79
C ALA A 219 -35.45 26.55 14.07
N CYS A 220 -34.37 26.24 14.78
CA CYS A 220 -33.03 26.46 14.31
C CYS A 220 -32.10 25.36 14.79
N GLY A 221 -31.07 25.11 14.01
CA GLY A 221 -29.90 24.30 14.41
C GLY A 221 -28.60 24.92 13.92
N ILE A 222 -27.48 24.47 14.49
CA ILE A 222 -26.16 24.87 13.99
C ILE A 222 -25.75 23.92 12.90
N ILE A 223 -25.17 24.49 11.84
CA ILE A 223 -24.65 23.71 10.72
C ILE A 223 -23.34 23.09 11.18
N ALA A 224 -23.39 21.79 11.45
CA ALA A 224 -22.34 21.07 12.16
C ALA A 224 -21.56 20.14 11.26
N ARG A 225 -20.29 19.96 11.59
CA ARG A 225 -19.43 19.04 10.88
C ARG A 225 -19.98 17.64 11.06
N SER A 226 -20.14 16.93 9.93
CA SER A 226 -20.50 15.50 9.95
C SER A 226 -19.39 14.65 9.37
N ALA A 227 -19.26 13.43 9.85
CA ALA A 227 -18.43 12.44 9.19
C ALA A 227 -19.07 12.12 7.84
N GLY A 228 -18.27 11.90 6.82
CA GLY A 228 -18.83 11.46 5.54
C GLY A 228 -19.23 10.01 5.69
N LEU A 229 -19.65 9.39 4.59
CA LEU A 229 -19.70 7.93 4.53
C LEU A 229 -18.30 7.34 4.39
N PHE A 230 -17.40 8.11 3.81
CA PHE A 230 -16.10 7.64 3.38
C PHE A 230 -14.98 8.19 4.21
N GLN A 231 -13.96 7.37 4.40
CA GLN A 231 -12.75 7.77 5.09
C GLN A 231 -11.87 8.63 4.21
N ASN A 232 -10.92 9.26 4.87
CA ASN A 232 -9.94 10.08 4.19
C ASN A 232 -9.15 9.18 3.28
N PRO A 233 -8.87 9.62 2.04
CA PRO A 233 -8.04 8.84 1.14
C PRO A 233 -6.68 8.52 1.71
N LYS A 234 -6.06 7.47 1.18
CA LYS A 234 -4.72 7.03 1.61
C LYS A 234 -3.93 6.67 0.36
N GLN A 235 -2.69 7.15 0.31
CA GLN A 235 -1.79 6.83 -0.79
C GLN A 235 -1.32 5.41 -0.51
N ILE A 236 -1.39 4.54 -1.52
CA ILE A 236 -0.95 3.14 -1.36
C ILE A 236 0.29 2.81 -2.18
N CYS A 237 0.69 3.72 -3.08
CA CYS A 237 1.73 3.44 -4.05
C CYS A 237 2.04 4.72 -4.82
N SER A 238 3.32 4.97 -5.08
CA SER A 238 3.68 6.09 -5.97
C SER A 238 4.82 5.78 -6.94
N CYS A 239 4.99 6.67 -7.90
CA CYS A 239 6.01 6.57 -8.93
C CYS A 239 6.42 7.99 -9.35
N ASP A 240 7.04 8.14 -10.51
CA ASP A 240 7.30 9.47 -11.06
C ASP A 240 6.04 9.90 -11.80
N GLY A 241 5.32 10.86 -11.23
CA GLY A 241 4.12 11.40 -11.84
C GLY A 241 2.96 10.44 -11.84
N LEU A 242 2.86 9.63 -10.77
CA LEU A 242 1.68 8.78 -10.52
C LEU A 242 1.55 8.43 -9.06
N THR A 243 0.35 8.57 -8.53
CA THR A 243 0.02 8.11 -7.19
C THR A 243 -1.31 7.34 -7.24
N ILE A 244 -1.40 6.37 -6.35
CA ILE A 244 -2.51 5.45 -6.33
C ILE A 244 -3.07 5.57 -4.93
N TRP A 245 -4.38 5.79 -4.86
CA TRP A 245 -5.03 6.10 -3.60
C TRP A 245 -6.15 5.12 -3.38
N GLU A 246 -6.30 4.69 -2.12
CA GLU A 246 -7.44 3.87 -1.68
C GLU A 246 -8.45 4.77 -0.97
N GLU A 247 -9.74 4.52 -1.17
CA GLU A 247 -10.78 5.17 -0.38
C GLU A 247 -11.83 4.18 0.12
N ARG A 248 -11.77 3.88 1.41
CA ARG A 248 -12.71 2.94 2.05
C ARG A 248 -13.85 3.69 2.76
N GLY A 249 -15.07 3.16 2.66
CA GLY A 249 -16.18 3.61 3.48
C GLY A 249 -15.93 3.34 4.95
N ARG A 250 -16.63 4.10 5.80
CA ARG A 250 -16.48 3.99 7.26
C ARG A 250 -17.03 2.68 7.78
N PRO A 251 -16.40 2.11 8.83
CA PRO A 251 -17.12 1.10 9.60
C PRO A 251 -18.27 1.69 10.46
N ILE A 252 -19.09 0.79 11.01
CA ILE A 252 -20.05 1.12 12.09
C ILE A 252 -20.72 -0.15 12.63
N ALA B 1 -13.00 33.48 13.04
CA ALA B 1 -13.87 33.54 14.26
C ALA B 1 -13.10 34.00 15.50
N THR B 2 -13.52 35.13 16.05
CA THR B 2 -12.99 35.62 17.30
C THR B 2 -13.74 34.98 18.43
N LYS B 3 -15.06 34.94 18.37
CA LYS B 3 -15.87 34.39 19.43
C LYS B 3 -16.71 33.24 18.92
N ALA B 4 -17.03 32.32 19.81
CA ALA B 4 -17.93 31.22 19.52
C ALA B 4 -18.73 30.87 20.77
N VAL B 5 -19.71 29.99 20.64
CA VAL B 5 -20.61 29.72 21.75
C VAL B 5 -21.19 28.32 21.63
N CYS B 6 -21.56 27.73 22.76
CA CYS B 6 -22.13 26.40 22.78
C CYS B 6 -23.21 26.38 23.83
N VAL B 7 -24.30 25.68 23.52
CA VAL B 7 -25.43 25.54 24.41
C VAL B 7 -25.56 24.06 24.69
N LEU B 8 -25.25 23.69 25.93
CA LEU B 8 -25.25 22.30 26.35
C LEU B 8 -26.66 21.91 26.75
N LYS B 9 -27.10 20.75 26.28
CA LYS B 9 -28.41 20.22 26.65
C LYS B 9 -28.41 18.69 26.56
N GLY B 10 -29.32 18.06 27.26
CA GLY B 10 -29.46 16.61 27.17
C GLY B 10 -30.83 16.16 27.58
N ASP B 11 -30.91 14.93 28.05
CA ASP B 11 -32.16 14.35 28.55
C ASP B 11 -32.35 14.72 30.02
N GLY B 12 -31.29 14.55 30.82
CA GLY B 12 -31.32 14.91 32.23
C GLY B 12 -31.34 16.41 32.47
N PRO B 13 -31.34 16.82 33.75
CA PRO B 13 -31.42 18.24 34.16
C PRO B 13 -30.20 19.12 33.80
N VAL B 14 -29.08 18.49 33.46
CA VAL B 14 -27.89 19.16 32.93
C VAL B 14 -28.14 20.09 31.73
N GLN B 15 -27.69 21.33 31.87
CA GLN B 15 -27.82 22.36 30.84
C GLN B 15 -26.78 23.46 31.12
N GLY B 16 -26.40 24.21 30.10
CA GLY B 16 -25.49 25.34 30.28
C GLY B 16 -25.08 26.05 29.02
N ILE B 17 -24.25 27.07 29.21
CA ILE B 17 -23.83 27.97 28.15
C ILE B 17 -22.33 28.21 28.31
N ILE B 18 -21.57 27.91 27.27
CA ILE B 18 -20.13 28.03 27.28
C ILE B 18 -19.74 28.98 26.16
N ASN B 19 -18.91 29.97 26.48
CA ASN B 19 -18.38 30.87 25.47
C ASN B 19 -16.91 30.59 25.18
N PHE B 20 -16.51 30.85 23.96
CA PHE B 20 -15.12 30.78 23.56
C PHE B 20 -14.74 32.14 23.01
N GLU B 21 -13.50 32.55 23.29
CA GLU B 21 -12.94 33.74 22.67
C GLU B 21 -11.46 33.54 22.44
N GLN B 22 -10.99 34.08 21.31
CA GLN B 22 -9.60 33.99 20.89
C GLN B 22 -9.23 35.34 20.30
N LYS B 23 -8.16 35.92 20.83
CA LYS B 23 -7.78 37.27 20.50
C LYS B 23 -6.59 37.30 19.53
N GLU B 24 -5.67 36.33 19.63
CA GLU B 24 -4.59 36.20 18.64
C GLU B 24 -4.76 34.97 17.73
N SER B 25 -4.25 35.08 16.51
CA SER B 25 -4.28 34.03 15.50
C SER B 25 -3.33 32.96 15.98
N ASN B 26 -3.88 31.77 16.17
CA ASN B 26 -3.21 30.71 16.90
C ASN B 26 -2.61 31.30 18.17
N GLY B 27 -3.50 31.85 18.98
CA GLY B 27 -3.22 32.24 20.34
C GLY B 27 -3.99 31.28 21.22
N PRO B 28 -4.12 31.61 22.51
CA PRO B 28 -4.96 30.87 23.43
C PRO B 28 -6.44 31.20 23.27
N VAL B 29 -7.26 30.29 23.76
CA VAL B 29 -8.70 30.41 23.74
C VAL B 29 -9.16 30.46 25.19
N LYS B 30 -9.86 31.53 25.57
CA LYS B 30 -10.54 31.60 26.88
C LYS B 30 -11.85 30.82 26.73
N VAL B 31 -12.11 29.92 27.66
CA VAL B 31 -13.35 29.17 27.68
C VAL B 31 -14.03 29.47 29.00
N TRP B 32 -15.28 29.93 28.96
CA TRP B 32 -15.98 30.30 30.17
C TRP B 32 -17.50 30.22 30.05
N GLY B 33 -18.15 29.93 31.17
CA GLY B 33 -19.57 29.73 31.17
C GLY B 33 -20.07 29.20 32.48
N SER B 34 -21.23 28.54 32.41
CA SER B 34 -21.86 27.94 33.57
C SER B 34 -22.62 26.70 33.13
N ILE B 35 -22.80 25.75 34.04
CA ILE B 35 -23.58 24.55 33.79
C ILE B 35 -24.34 24.21 35.06
N LYS B 36 -25.68 24.27 35.03
CA LYS B 36 -26.51 23.78 36.15
C LYS B 36 -26.85 22.28 35.99
N GLY B 37 -27.33 21.68 37.08
CA GLY B 37 -27.94 20.36 37.04
C GLY B 37 -27.00 19.20 37.24
N LEU B 38 -25.77 19.47 37.63
CA LEU B 38 -24.75 18.42 37.72
C LEU B 38 -24.71 17.81 39.09
N THR B 39 -24.16 16.59 39.17
CA THR B 39 -23.80 16.00 40.46
C THR B 39 -22.61 16.82 41.00
N GLU B 40 -22.48 16.91 42.32
CA GLU B 40 -21.31 17.55 42.93
C GLU B 40 -20.04 16.76 42.56
N GLY B 41 -18.91 17.47 42.58
CA GLY B 41 -17.62 16.88 42.19
C GLY B 41 -17.19 17.24 40.78
N LEU B 42 -16.30 16.43 40.22
CA LEU B 42 -15.65 16.74 38.95
C LEU B 42 -16.30 16.01 37.79
N HIS B 43 -16.38 16.71 36.65
CA HIS B 43 -16.94 16.15 35.43
C HIS B 43 -16.05 16.44 34.24
N GLY B 44 -15.82 15.41 33.43
CA GLY B 44 -15.10 15.55 32.16
C GLY B 44 -15.71 16.57 31.21
N PHE B 45 -14.87 17.20 30.39
CA PHE B 45 -15.23 18.36 29.58
C PHE B 45 -14.46 18.31 28.25
N HIS B 46 -15.13 17.87 27.18
CA HIS B 46 -14.45 17.43 25.96
C HIS B 46 -15.05 17.96 24.68
N VAL B 47 -14.20 18.39 23.76
CA VAL B 47 -14.60 18.61 22.40
C VAL B 47 -14.45 17.29 21.64
N HIS B 48 -15.56 16.67 21.23
CA HIS B 48 -15.55 15.46 20.40
C HIS B 48 -15.44 15.86 18.93
N GLU B 49 -15.13 14.90 18.07
CA GLU B 49 -14.64 15.20 16.71
C GLU B 49 -15.66 15.88 15.80
N PHE B 50 -16.84 15.27 15.69
CA PHE B 50 -17.87 15.77 14.81
C PHE B 50 -18.98 16.45 15.59
N GLY B 51 -19.73 17.29 14.90
CA GLY B 51 -20.88 17.95 15.48
C GLY B 51 -22.20 17.26 15.24
N ASP B 52 -22.16 16.13 14.52
CA ASP B 52 -23.36 15.43 14.08
C ASP B 52 -23.87 14.70 15.26
N ASN B 53 -25.02 15.15 15.78
CA ASN B 53 -25.68 14.51 16.93
C ASN B 53 -27.02 13.89 16.52
N THR B 54 -27.11 13.41 15.28
CA THR B 54 -28.32 12.72 14.85
C THR B 54 -28.45 11.40 15.62
N ALA B 55 -27.31 10.81 15.98
CA ALA B 55 -27.26 9.54 16.72
C ALA B 55 -26.55 9.62 18.09
N GLY B 56 -26.53 10.80 18.73
CA GLY B 56 -25.89 10.98 20.04
C GLY B 56 -24.37 10.97 19.98
N ALA B 57 -23.74 10.44 21.04
CA ALA B 57 -22.27 10.40 21.10
C ALA B 57 -21.63 9.33 20.20
N THR B 58 -22.44 8.49 19.55
CA THR B 58 -21.94 7.56 18.50
C THR B 58 -21.65 8.28 17.17
N SER B 59 -22.46 9.28 16.83
CA SER B 59 -22.25 10.08 15.60
C SER B 59 -21.28 11.24 15.80
N ALA B 60 -21.30 11.87 16.98
CA ALA B 60 -20.29 12.90 17.35
C ALA B 60 -18.92 12.26 17.48
N GLY B 61 -18.91 11.04 18.03
CA GLY B 61 -17.78 10.16 17.99
C GLY B 61 -16.77 10.46 19.08
N PRO B 62 -15.49 10.17 18.79
CA PRO B 62 -14.44 10.26 19.77
C PRO B 62 -13.97 11.68 20.03
N HIS B 63 -13.09 11.79 21.02
CA HIS B 63 -12.43 13.02 21.37
C HIS B 63 -11.73 13.53 20.14
N PHE B 64 -11.87 14.82 19.86
CA PHE B 64 -11.25 15.46 18.69
C PHE B 64 -9.73 15.32 18.72
N ASN B 65 -9.18 14.56 17.77
CA ASN B 65 -7.78 14.15 17.83
C ASN B 65 -7.10 14.15 16.46
N PRO B 66 -6.80 15.35 15.93
CA PRO B 66 -6.14 15.44 14.63
C PRO B 66 -4.66 14.99 14.58
N LEU B 67 -4.00 14.82 15.74
CA LEU B 67 -2.60 14.35 15.78
C LEU B 67 -2.43 12.91 16.32
N SER B 68 -3.49 12.10 16.24
CA SER B 68 -3.50 10.69 16.65
C SER B 68 -2.79 10.31 17.97
N ARG B 69 -2.97 11.10 19.02
CA ARG B 69 -2.34 10.84 20.32
C ARG B 69 -3.25 10.14 21.33
N LYS B 70 -2.69 9.83 22.49
CA LYS B 70 -3.42 9.23 23.61
C LYS B 70 -4.08 10.33 24.45
N HIS B 71 -5.16 9.97 25.13
CA HIS B 71 -5.89 10.91 26.00
C HIS B 71 -5.02 11.43 27.14
N GLY B 72 -5.23 12.68 27.50
CA GLY B 72 -4.50 13.32 28.60
C GLY B 72 -5.27 14.50 29.16
N GLY B 73 -4.71 15.12 30.18
CA GLY B 73 -5.23 16.37 30.73
C GLY B 73 -4.82 17.52 29.83
N PRO B 74 -5.43 18.69 30.05
CA PRO B 74 -5.02 19.84 29.21
C PRO B 74 -3.56 20.21 29.43
N LYS B 75 -3.07 20.05 30.66
CA LYS B 75 -1.67 20.41 30.98
C LYS B 75 -0.61 19.43 30.43
N ASP B 76 -1.01 18.23 29.99
CA ASP B 76 -0.07 17.23 29.41
C ASP B 76 0.36 17.57 27.97
N GLU B 77 1.57 17.13 27.61
CA GLU B 77 2.08 17.29 26.24
C GLU B 77 1.41 16.24 25.36
N GLU B 78 1.24 15.04 25.89
CA GLU B 78 0.53 13.98 25.21
C GLU B 78 -0.93 14.13 25.58
N ARG B 79 -1.75 14.53 24.61
CA ARG B 79 -3.19 14.75 24.79
C ARG B 79 -3.91 14.81 23.45
N HIS B 80 -5.23 14.68 23.49
CA HIS B 80 -6.07 14.99 22.35
C HIS B 80 -6.26 16.50 22.35
N VAL B 81 -6.52 17.06 21.16
CA VAL B 81 -6.83 18.49 21.07
C VAL B 81 -8.04 18.81 21.93
N GLY B 82 -9.09 17.99 21.79
CA GLY B 82 -10.31 18.15 22.57
C GLY B 82 -10.27 18.03 24.08
N ASP B 83 -9.13 17.63 24.64
CA ASP B 83 -9.03 17.41 26.09
C ASP B 83 -8.88 18.69 26.87
N LEU B 84 -9.96 19.11 27.54
CA LEU B 84 -9.98 20.31 28.41
C LEU B 84 -10.19 19.94 29.88
N GLY B 85 -10.01 18.65 30.19
CA GLY B 85 -9.95 18.20 31.56
C GLY B 85 -11.28 18.14 32.24
N ASN B 86 -11.41 18.90 33.34
CA ASN B 86 -12.55 18.76 34.26
C ASN B 86 -13.17 20.10 34.57
N VAL B 87 -14.41 20.05 35.04
CA VAL B 87 -15.06 21.23 35.61
C VAL B 87 -15.62 20.87 37.00
N THR B 88 -15.55 21.84 37.90
CA THR B 88 -15.90 21.60 39.30
C THR B 88 -17.37 22.00 39.52
N ALA B 89 -18.21 21.00 39.80
CA ALA B 89 -19.63 21.21 40.14
C ALA B 89 -19.80 21.25 41.65
N ASP B 90 -20.35 22.35 42.16
CA ASP B 90 -20.44 22.59 43.60
C ASP B 90 -21.57 21.80 44.29
N LYS B 91 -21.89 22.15 45.55
CA LYS B 91 -22.95 21.46 46.31
C LYS B 91 -24.34 21.60 45.68
N ASP B 92 -24.64 22.79 45.17
CA ASP B 92 -25.92 23.07 44.47
C ASP B 92 -26.03 22.44 43.07
N GLY B 93 -24.91 21.97 42.51
CA GLY B 93 -24.89 21.34 41.19
C GLY B 93 -24.50 22.23 40.02
N VAL B 94 -24.05 23.46 40.34
CA VAL B 94 -23.51 24.41 39.36
C VAL B 94 -21.98 24.31 39.25
N ALA B 95 -21.50 24.34 38.02
CA ALA B 95 -20.09 24.49 37.71
C ALA B 95 -19.89 25.82 37.01
N ASP B 96 -19.13 26.71 37.64
CA ASP B 96 -18.73 27.97 37.03
C ASP B 96 -17.46 27.63 36.28
N VAL B 97 -17.55 27.55 34.95
CA VAL B 97 -16.42 27.09 34.12
C VAL B 97 -15.51 28.27 33.79
N SER B 98 -14.20 28.05 33.92
CA SER B 98 -13.20 29.01 33.46
C SER B 98 -11.90 28.29 33.14
N ILE B 99 -11.46 28.43 31.89
CA ILE B 99 -10.35 27.69 31.34
C ILE B 99 -9.60 28.56 30.33
N GLU B 100 -8.30 28.39 30.25
CA GLU B 100 -7.52 28.92 29.16
C GLU B 100 -6.74 27.77 28.52
N ASP B 101 -6.64 27.76 27.21
CA ASP B 101 -6.08 26.61 26.49
C ASP B 101 -5.60 27.04 25.13
N SER B 102 -4.34 26.72 24.81
CA SER B 102 -3.69 27.09 23.55
C SER B 102 -3.48 25.95 22.58
N VAL B 103 -4.22 24.86 22.74
CA VAL B 103 -4.15 23.73 21.81
C VAL B 103 -5.41 23.68 20.95
N ILE B 104 -6.57 23.92 21.56
CA ILE B 104 -7.75 24.25 20.77
C ILE B 104 -7.56 25.61 20.13
N SER B 105 -8.24 25.83 19.01
CA SER B 105 -8.27 27.12 18.35
C SER B 105 -9.65 27.34 17.79
N LEU B 106 -9.90 28.55 17.31
CA LEU B 106 -11.12 28.88 16.56
C LEU B 106 -10.82 29.04 15.08
N SER B 107 -9.71 28.46 14.64
CA SER B 107 -9.27 28.51 13.25
C SER B 107 -8.12 27.55 13.02
N GLY B 108 -7.88 27.23 11.76
CA GLY B 108 -6.80 26.30 11.42
C GLY B 108 -7.12 24.86 11.77
N ASP B 109 -6.10 24.03 11.78
CA ASP B 109 -6.33 22.59 11.82
C ASP B 109 -6.85 22.12 13.15
N HIS B 110 -6.72 22.91 14.20
CA HIS B 110 -7.32 22.55 15.48
C HIS B 110 -8.63 23.31 15.78
N CYS B 111 -9.29 23.83 14.74
CA CYS B 111 -10.53 24.58 14.90
C CYS B 111 -11.65 23.70 15.45
N ILE B 112 -12.20 24.09 16.60
CA ILE B 112 -13.31 23.39 17.24
C ILE B 112 -14.72 23.77 16.75
N ILE B 113 -14.82 24.87 16.03
CA ILE B 113 -16.13 25.30 15.53
C ILE B 113 -16.74 24.19 14.66
N GLY B 114 -18.01 23.91 14.90
CA GLY B 114 -18.72 22.89 14.17
C GLY B 114 -18.63 21.52 14.79
N ARG B 115 -17.92 21.41 15.92
CA ARG B 115 -17.77 20.15 16.62
C ARG B 115 -18.62 20.19 17.86
N THR B 116 -18.75 19.05 18.54
CA THR B 116 -19.60 18.94 19.72
C THR B 116 -18.82 19.07 21.03
N LEU B 117 -19.20 20.05 21.84
CA LEU B 117 -18.74 20.10 23.24
C LEU B 117 -19.65 19.24 24.12
N VAL B 118 -19.05 18.53 25.08
CA VAL B 118 -19.74 17.54 25.93
C VAL B 118 -19.30 17.60 27.39
N VAL B 119 -20.25 17.64 28.31
CA VAL B 119 -19.96 17.46 29.72
C VAL B 119 -20.29 16.00 30.05
N HIS B 120 -19.30 15.25 30.54
CA HIS B 120 -19.44 13.81 30.78
C HIS B 120 -19.83 13.54 32.26
N GLU B 121 -20.29 12.30 32.51
CA GLU B 121 -20.81 11.86 33.84
C GLU B 121 -19.77 11.90 34.97
N LYS B 122 -18.75 11.04 34.89
CA LYS B 122 -17.68 10.98 35.89
C LYS B 122 -16.58 12.00 35.56
N ALA B 123 -15.60 12.07 36.46
CA ALA B 123 -14.42 12.90 36.25
C ALA B 123 -13.41 12.31 35.24
N ASP B 124 -12.69 13.20 34.59
CA ASP B 124 -11.64 12.86 33.63
C ASP B 124 -10.43 12.46 34.46
N ASP B 125 -10.01 11.20 34.35
CA ASP B 125 -8.80 10.74 35.05
C ASP B 125 -7.48 11.21 34.40
N LEU B 126 -7.56 12.01 33.33
CA LEU B 126 -6.39 12.59 32.65
C LEU B 126 -5.44 11.54 32.02
N GLY B 127 -5.97 10.36 31.70
CA GLY B 127 -5.19 9.25 31.17
C GLY B 127 -4.30 8.52 32.15
N LYS B 128 -4.42 8.84 33.45
CA LYS B 128 -3.49 8.37 34.48
C LYS B 128 -4.01 7.21 35.34
N GLY B 129 -5.27 6.79 35.12
CA GLY B 129 -5.84 5.62 35.80
C GLY B 129 -5.35 4.26 35.32
N GLY B 130 -4.51 4.23 34.29
CA GLY B 130 -3.76 3.04 33.89
C GLY B 130 -4.59 1.87 33.35
N ASN B 131 -5.34 2.10 32.27
CA ASN B 131 -5.94 1.02 31.47
C ASN B 131 -6.27 1.52 30.07
N GLU B 132 -6.76 0.63 29.19
CA GLU B 132 -7.08 0.96 27.78
C GLU B 132 -8.10 2.11 27.66
N GLU B 133 -9.14 2.05 28.48
CA GLU B 133 -10.18 3.07 28.46
C GLU B 133 -9.67 4.42 28.96
N SER B 134 -8.78 4.41 29.94
CA SER B 134 -8.20 5.66 30.42
C SER B 134 -7.52 6.50 29.32
N THR B 135 -6.91 5.87 28.32
CA THR B 135 -6.23 6.61 27.24
C THR B 135 -7.06 6.79 25.96
N LYS B 136 -8.36 6.50 26.03
CA LYS B 136 -9.32 6.97 25.03
C LYS B 136 -10.21 8.10 25.63
N THR B 137 -10.87 7.80 26.75
CA THR B 137 -11.89 8.66 27.33
C THR B 137 -11.56 9.24 28.70
N GLY B 138 -10.49 8.77 29.35
CA GLY B 138 -10.24 9.12 30.76
C GLY B 138 -11.36 8.72 31.73
N ASN B 139 -12.07 7.65 31.38
CA ASN B 139 -13.12 7.07 32.21
C ASN B 139 -14.05 8.11 32.82
N ALA B 140 -14.49 9.05 31.99
CA ALA B 140 -15.54 9.99 32.35
C ALA B 140 -16.90 9.40 31.96
N GLY B 141 -16.88 8.32 31.18
CA GLY B 141 -18.10 7.58 30.88
C GLY B 141 -19.08 8.37 30.02
N SER B 142 -20.36 8.25 30.35
CA SER B 142 -21.43 8.69 29.48
C SER B 142 -21.63 10.21 29.42
N ARG B 143 -22.16 10.64 28.28
CA ARG B 143 -22.56 12.02 28.04
C ARG B 143 -23.67 12.40 29.00
N LEU B 144 -23.59 13.59 29.60
CA LEU B 144 -24.72 14.16 30.34
C LEU B 144 -25.43 15.17 29.47
N ALA B 145 -24.69 16.17 29.00
CA ALA B 145 -25.23 17.23 28.14
C ALA B 145 -24.23 17.65 27.06
N ALA B 146 -24.74 18.02 25.89
CA ALA B 146 -23.88 18.34 24.76
C ALA B 146 -24.50 19.30 23.76
N GLY B 147 -23.63 19.95 23.00
CA GLY B 147 -24.02 20.92 22.02
C GLY B 147 -22.94 21.22 21.01
N VAL B 148 -23.34 21.69 19.84
CA VAL B 148 -22.44 22.07 18.80
C VAL B 148 -21.86 23.45 19.12
N ILE B 149 -20.55 23.59 18.93
CA ILE B 149 -19.87 24.86 19.11
C ILE B 149 -20.13 25.67 17.84
N GLY B 150 -20.79 26.81 18.01
CA GLY B 150 -21.12 27.68 16.89
C GLY B 150 -20.47 29.03 16.95
N ILE B 151 -20.45 29.71 15.80
CA ILE B 151 -19.88 31.06 15.69
C ILE B 151 -20.79 32.01 16.45
N ALA B 152 -20.15 33.00 17.09
CA ALA B 152 -20.83 33.98 17.90
C ALA B 152 -20.41 35.36 17.49
N GLN B 153 -21.26 36.33 17.83
CA GLN B 153 -20.99 37.74 17.49
C GLN B 153 -19.95 38.34 18.44
N GLN C 1 3.28 -20.64 7.67
CA GLN C 1 3.44 -19.33 6.95
C GLN C 1 3.35 -19.51 5.42
N GLY C 2 4.35 -20.18 4.84
CA GLY C 2 4.42 -20.46 3.40
C GLY C 2 3.28 -21.32 2.87
N THR C 3 2.69 -22.19 3.70
CA THR C 3 1.51 -23.02 3.28
C THR C 3 0.12 -22.34 3.33
N LEU C 4 0.14 -21.00 3.27
CA LEU C 4 -1.04 -20.15 3.40
C LEU C 4 -1.72 -20.07 2.07
N CYS C 5 -2.73 -20.91 1.91
CA CYS C 5 -3.67 -20.80 0.80
C CYS C 5 -4.99 -20.21 1.32
N THR C 6 -6.03 -20.24 0.49
CA THR C 6 -7.37 -19.81 0.87
C THR C 6 -8.31 -21.00 0.66
N LEU C 7 -8.99 -21.41 1.73
CA LEU C 7 -9.92 -22.55 1.70
C LEU C 7 -11.37 -22.09 1.59
N GLU C 8 -12.12 -22.66 0.66
CA GLU C 8 -13.55 -22.41 0.50
C GLU C 8 -14.39 -23.61 0.94
N PHE C 9 -15.14 -23.46 2.03
CA PHE C 9 -16.21 -24.41 2.41
C PHE C 9 -17.59 -23.81 2.14
N ALA C 10 -18.54 -24.70 1.83
CA ALA C 10 -19.97 -24.37 1.73
C ALA C 10 -20.70 -24.78 3.01
N VAL C 11 -21.44 -23.84 3.60
CA VAL C 11 -22.14 -24.05 4.86
C VAL C 11 -23.62 -23.62 4.70
N GLN C 12 -24.53 -24.42 5.24
CA GLN C 12 -25.95 -24.05 5.32
C GLN C 12 -26.05 -22.90 6.31
N MET C 13 -26.27 -21.70 5.77
CA MET C 13 -26.39 -20.46 6.52
C MET C 13 -27.61 -19.71 6.01
N THR C 14 -28.35 -19.13 6.96
CA THR C 14 -29.70 -18.58 6.74
C THR C 14 -29.88 -17.21 7.44
N SER C 15 -29.64 -17.22 8.76
CA SER C 15 -29.73 -16.04 9.60
C SER C 15 -28.36 -15.38 9.79
N GLN C 16 -28.35 -14.10 10.11
CA GLN C 16 -27.12 -13.42 10.55
C GLN C 16 -26.55 -14.01 11.86
N SER C 17 -27.37 -14.62 12.72
CA SER C 17 -26.87 -15.27 13.97
C SER C 17 -26.10 -16.56 13.73
N SER C 18 -26.41 -17.25 12.63
CA SER C 18 -25.63 -18.41 12.17
C SER C 18 -24.22 -17.95 11.71
N VAL C 19 -24.17 -16.92 10.87
CA VAL C 19 -22.92 -16.27 10.45
C VAL C 19 -22.10 -15.76 11.67
N ASP C 20 -22.78 -15.18 12.64
CA ASP C 20 -22.13 -14.80 13.91
C ASP C 20 -21.44 -16.03 14.52
N ALA C 21 -22.11 -17.19 14.49
CA ALA C 21 -21.57 -18.45 15.02
C ALA C 21 -20.39 -19.04 14.22
N VAL C 22 -20.51 -19.03 12.88
CA VAL C 22 -19.41 -19.47 11.97
C VAL C 22 -18.11 -18.68 12.25
N ARG C 23 -18.18 -17.35 12.18
CA ARG C 23 -17.04 -16.49 12.53
C ARG C 23 -16.53 -16.78 13.94
N LYS C 24 -17.46 -17.07 14.86
CA LYS C 24 -17.15 -17.40 16.26
C LYS C 24 -16.17 -18.57 16.39
N SER C 25 -16.37 -19.63 15.58
CA SER C 25 -15.51 -20.83 15.63
C SER C 25 -14.07 -20.61 15.14
N LEU C 26 -13.88 -19.65 14.23
CA LEU C 26 -12.56 -19.27 13.68
C LEU C 26 -12.03 -17.91 14.20
N GLN C 27 -12.80 -17.24 15.06
CA GLN C 27 -12.37 -15.96 15.64
C GLN C 27 -11.17 -16.29 16.53
N GLY C 28 -10.02 -15.69 16.21
CA GLY C 28 -8.79 -15.83 16.99
C GLY C 28 -8.31 -17.24 17.31
N VAL C 29 -8.52 -18.20 16.39
CA VAL C 29 -7.89 -19.52 16.54
C VAL C 29 -6.45 -19.41 16.05
N ALA C 30 -5.59 -20.27 16.60
CA ALA C 30 -4.18 -20.30 16.23
C ALA C 30 -4.00 -20.60 14.74
N GLY C 31 -3.43 -19.64 14.01
CA GLY C 31 -3.00 -19.83 12.63
C GLY C 31 -4.00 -19.56 11.52
N VAL C 32 -5.15 -18.97 11.85
CA VAL C 32 -6.10 -18.53 10.81
C VAL C 32 -5.92 -17.03 10.61
N GLN C 33 -5.57 -16.62 9.39
CA GLN C 33 -5.31 -15.21 9.10
C GLN C 33 -6.64 -14.43 9.02
N ASP C 34 -7.49 -14.79 8.08
CA ASP C 34 -8.67 -13.99 7.72
C ASP C 34 -9.84 -14.90 7.44
N VAL C 35 -11.04 -14.44 7.79
CA VAL C 35 -12.26 -15.17 7.50
C VAL C 35 -13.18 -14.23 6.73
N GLU C 36 -13.98 -14.79 5.84
CA GLU C 36 -14.80 -14.02 4.89
C GLU C 36 -15.96 -14.93 4.51
N VAL C 37 -17.17 -14.37 4.43
CA VAL C 37 -18.39 -15.18 4.60
C VAL C 37 -19.51 -14.67 3.69
N HIS C 38 -19.51 -15.13 2.45
N HIS C 38 -19.47 -14.97 2.38
CA HIS C 38 -20.50 -14.69 1.46
CA HIS C 38 -20.53 -14.46 1.48
C HIS C 38 -21.86 -15.39 1.70
C HIS C 38 -21.84 -15.28 1.66
N LEU C 39 -22.73 -14.71 2.46
CA LEU C 39 -24.05 -15.28 2.84
C LEU C 39 -25.06 -15.40 1.70
N GLU C 40 -24.92 -14.63 0.63
CA GLU C 40 -25.67 -14.92 -0.62
C GLU C 40 -25.27 -16.33 -1.10
N ASP C 41 -23.97 -16.58 -1.21
CA ASP C 41 -23.44 -17.86 -1.69
C ASP C 41 -23.53 -19.02 -0.65
N GLN C 42 -23.79 -18.71 0.63
CA GLN C 42 -23.76 -19.71 1.72
C GLN C 42 -22.39 -20.41 1.73
N MET C 43 -21.32 -19.59 1.81
CA MET C 43 -19.92 -19.99 1.59
C MET C 43 -18.98 -19.29 2.58
N VAL C 44 -17.85 -19.93 2.92
CA VAL C 44 -16.88 -19.37 3.88
C VAL C 44 -15.42 -19.52 3.44
N LEU C 45 -14.84 -18.44 2.93
CA LEU C 45 -13.44 -18.44 2.50
C LEU C 45 -12.53 -18.22 3.70
N VAL C 46 -11.47 -19.02 3.80
CA VAL C 46 -10.62 -19.04 4.99
C VAL C 46 -9.15 -18.94 4.58
N HIS C 47 -8.59 -17.75 4.77
CA HIS C 47 -7.17 -17.50 4.54
C HIS C 47 -6.41 -18.10 5.73
N THR C 48 -5.81 -19.28 5.55
CA THR C 48 -5.15 -20.00 6.65
C THR C 48 -4.05 -20.98 6.26
N THR C 49 -3.07 -21.11 7.16
CA THR C 49 -2.00 -22.11 7.05
C THR C 49 -2.49 -23.52 7.40
N LEU C 50 -3.57 -23.61 8.16
CA LEU C 50 -4.00 -24.89 8.71
C LEU C 50 -4.47 -25.85 7.61
N PRO C 51 -4.37 -27.16 7.86
CA PRO C 51 -4.97 -28.21 7.03
C PRO C 51 -6.46 -28.11 6.88
N SER C 52 -6.99 -28.64 5.78
CA SER C 52 -8.43 -28.62 5.53
C SER C 52 -9.19 -29.51 6.48
N GLN C 53 -8.57 -30.62 6.90
CA GLN C 53 -9.14 -31.52 7.92
C GLN C 53 -9.47 -30.72 9.18
N GLU C 54 -8.42 -30.12 9.75
CA GLU C 54 -8.46 -29.38 11.01
C GLU C 54 -9.50 -28.25 11.00
N VAL C 55 -9.48 -27.45 9.94
CA VAL C 55 -10.42 -26.33 9.78
C VAL C 55 -11.87 -26.78 9.58
N GLN C 56 -12.08 -27.88 8.86
CA GLN C 56 -13.43 -28.46 8.72
C GLN C 56 -13.97 -28.91 10.08
N ALA C 57 -13.11 -29.50 10.91
CA ALA C 57 -13.48 -29.92 12.26
C ALA C 57 -13.87 -28.75 13.19
N LEU C 58 -13.19 -27.61 13.06
CA LEU C 58 -13.52 -26.41 13.86
C LEU C 58 -14.88 -25.80 13.47
N LEU C 59 -15.18 -25.76 12.18
CA LEU C 59 -16.51 -25.36 11.69
C LEU C 59 -17.57 -26.38 12.12
N GLU C 60 -17.29 -27.67 11.89
CA GLU C 60 -18.20 -28.75 12.31
C GLU C 60 -18.32 -28.93 13.85
N GLY C 61 -17.35 -28.43 14.62
CA GLY C 61 -17.41 -28.43 16.10
C GLY C 61 -18.60 -27.70 16.72
N THR C 62 -19.07 -26.65 16.04
CA THR C 62 -20.34 -25.99 16.40
C THR C 62 -21.51 -26.96 16.30
N GLY C 63 -21.49 -27.79 15.25
CA GLY C 63 -22.54 -28.78 14.94
C GLY C 63 -23.14 -28.64 13.54
N ARG C 64 -22.40 -28.00 12.64
CA ARG C 64 -22.91 -27.56 11.36
C ARG C 64 -22.09 -28.30 10.28
N GLN C 65 -22.75 -28.77 9.22
CA GLN C 65 -22.04 -29.55 8.19
C GLN C 65 -21.29 -28.63 7.23
N ALA C 66 -19.96 -28.83 7.10
CA ALA C 66 -19.09 -27.95 6.30
C ALA C 66 -18.40 -28.66 5.13
N VAL C 67 -19.11 -28.81 4.00
CA VAL C 67 -18.54 -29.37 2.76
C VAL C 67 -17.53 -28.42 2.08
N LEU C 68 -16.27 -28.86 1.96
CA LEU C 68 -15.25 -28.12 1.17
C LEU C 68 -15.54 -28.21 -0.34
N LYS C 69 -15.52 -27.06 -1.03
CA LYS C 69 -15.78 -26.98 -2.47
C LYS C 69 -14.65 -26.34 -3.31
N GLY C 70 -13.56 -25.88 -2.68
CA GLY C 70 -12.37 -25.45 -3.42
C GLY C 70 -11.22 -24.92 -2.56
N MET C 71 -10.03 -24.88 -3.17
CA MET C 71 -8.85 -24.25 -2.55
C MET C 71 -8.09 -23.49 -3.62
N GLY C 72 -7.52 -22.36 -3.24
CA GLY C 72 -6.71 -21.55 -4.14
C GLY C 72 -5.81 -20.65 -3.34
N SER C 73 -5.00 -19.86 -4.04
CA SER C 73 -4.16 -18.86 -3.41
C SER C 73 -4.06 -17.73 -4.40
N GLY C 74 -4.54 -16.57 -4.00
CA GLY C 74 -4.57 -15.40 -4.85
C GLY C 74 -3.22 -14.72 -4.94
N GLN C 75 -2.15 -15.32 -4.39
CA GLN C 75 -0.79 -14.93 -4.74
C GLN C 75 -0.64 -14.87 -6.27
N LEU C 76 0.08 -13.85 -6.72
CA LEU C 76 0.33 -13.62 -8.15
C LEU C 76 1.80 -13.78 -8.35
N GLN C 77 2.19 -14.13 -9.57
CA GLN C 77 3.59 -14.38 -9.88
C GLN C 77 3.94 -13.91 -11.27
N ASN C 78 5.25 -13.73 -11.48
CA ASN C 78 5.80 -13.39 -12.79
C ASN C 78 5.85 -14.57 -13.70
N LEU C 79 5.76 -14.30 -15.00
CA LEU C 79 6.13 -15.29 -16.00
C LEU C 79 7.61 -15.67 -15.75
N GLY C 80 7.97 -16.94 -15.91
CA GLY C 80 9.34 -17.39 -15.59
C GLY C 80 10.34 -17.13 -16.70
N ALA C 81 11.59 -16.88 -16.31
CA ALA C 81 12.62 -16.48 -17.28
C ALA C 81 13.96 -17.12 -17.01
N ALA C 82 14.73 -17.34 -18.08
CA ALA C 82 16.01 -18.04 -17.97
C ALA C 82 16.96 -17.72 -19.10
N VAL C 83 18.23 -18.00 -18.84
CA VAL C 83 19.28 -17.72 -19.82
C VAL C 83 20.36 -18.80 -19.76
N ALA C 84 20.90 -19.10 -20.95
CA ALA C 84 22.03 -20.02 -21.07
C ALA C 84 23.11 -19.28 -21.81
N ILE C 85 24.33 -19.39 -21.27
CA ILE C 85 25.53 -18.85 -21.90
C ILE C 85 26.33 -20.02 -22.47
N LEU C 86 26.55 -20.00 -23.78
CA LEU C 86 27.21 -21.11 -24.46
C LEU C 86 28.69 -20.81 -24.64
N GLY C 87 29.54 -21.68 -24.09
CA GLY C 87 30.99 -21.65 -24.31
C GLY C 87 31.49 -23.06 -24.55
N GLY C 88 32.80 -23.22 -24.77
CA GLY C 88 33.37 -24.54 -24.98
C GLY C 88 34.87 -24.53 -25.24
N PRO C 89 35.40 -25.59 -25.88
CA PRO C 89 36.80 -25.58 -26.27
C PRO C 89 37.09 -24.49 -27.33
N GLY C 90 36.37 -24.55 -28.45
CA GLY C 90 36.72 -23.79 -29.62
C GLY C 90 36.21 -22.37 -29.73
N THR C 91 35.92 -21.99 -30.97
CA THR C 91 35.60 -20.60 -31.34
C THR C 91 34.24 -20.09 -30.80
N VAL C 92 33.28 -20.99 -30.53
CA VAL C 92 31.85 -20.67 -30.43
C VAL C 92 31.43 -20.10 -29.07
N GLN C 93 30.71 -18.99 -29.12
CA GLN C 93 30.16 -18.33 -27.95
C GLN C 93 28.77 -17.77 -28.27
N GLY C 94 27.91 -17.69 -27.28
CA GLY C 94 26.56 -17.20 -27.50
C GLY C 94 25.75 -17.10 -26.23
N VAL C 95 24.65 -16.35 -26.33
CA VAL C 95 23.71 -16.19 -25.24
C VAL C 95 22.32 -16.50 -25.78
N VAL C 96 21.57 -17.34 -25.06
CA VAL C 96 20.19 -17.64 -25.44
C VAL C 96 19.30 -17.48 -24.22
N ARG C 97 18.22 -16.72 -24.41
CA ARG C 97 17.27 -16.38 -23.35
C ARG C 97 15.90 -17.03 -23.57
N PHE C 98 15.28 -17.39 -22.45
CA PHE C 98 14.00 -18.08 -22.42
C PHE C 98 13.02 -17.25 -21.61
N LEU C 99 11.78 -17.23 -22.06
CA LEU C 99 10.71 -16.57 -21.34
C LEU C 99 9.39 -17.31 -21.55
N GLN C 100 8.76 -17.69 -20.44
CA GLN C 100 7.53 -18.46 -20.48
C GLN C 100 6.37 -17.51 -20.64
N LEU C 101 5.98 -17.21 -21.88
CA LEU C 101 4.90 -16.23 -22.16
C LEU C 101 3.57 -16.60 -21.52
N THR C 102 3.17 -17.84 -21.74
CA THR C 102 1.98 -18.46 -21.21
C THR C 102 2.45 -19.78 -20.66
N PRO C 103 1.67 -20.41 -19.79
CA PRO C 103 2.16 -21.72 -19.34
C PRO C 103 2.22 -22.77 -20.44
N GLU C 104 1.63 -22.50 -21.62
CA GLU C 104 1.73 -23.38 -22.77
C GLU C 104 2.70 -22.90 -23.87
N ARG C 105 3.30 -21.72 -23.75
CA ARG C 105 4.12 -21.17 -24.82
C ARG C 105 5.40 -20.56 -24.27
N CYS C 106 6.54 -21.07 -24.71
CA CYS C 106 7.84 -20.55 -24.32
C CYS C 106 8.49 -19.84 -25.47
N LEU C 107 9.11 -18.70 -25.19
CA LEU C 107 9.79 -17.91 -26.20
C LEU C 107 11.28 -18.05 -25.99
N ILE C 108 11.97 -18.47 -27.05
CA ILE C 108 13.42 -18.63 -27.05
C ILE C 108 13.98 -17.68 -28.07
N GLU C 109 15.06 -16.99 -27.69
CA GLU C 109 15.62 -15.88 -28.48
C GLU C 109 17.07 -15.68 -28.13
N GLY C 110 17.94 -15.72 -29.12
CA GLY C 110 19.38 -15.67 -28.85
C GLY C 110 20.28 -15.44 -30.05
N THR C 111 21.58 -15.42 -29.73
CA THR C 111 22.64 -14.99 -30.64
C THR C 111 23.88 -15.88 -30.42
N ILE C 112 24.38 -16.55 -31.46
CA ILE C 112 25.55 -17.44 -31.32
C ILE C 112 26.59 -17.17 -32.43
N ASP C 113 27.80 -16.77 -32.02
CA ASP C 113 28.89 -16.37 -32.93
C ASP C 113 29.96 -17.43 -33.10
N GLY C 114 30.63 -17.39 -34.24
CA GLY C 114 31.76 -18.27 -34.53
C GLY C 114 31.37 -19.63 -35.11
N LEU C 115 30.32 -19.64 -35.93
CA LEU C 115 29.77 -20.88 -36.50
C LEU C 115 30.09 -20.96 -37.98
N GLU C 116 30.34 -22.17 -38.46
N GLU C 116 30.42 -22.15 -38.49
CA GLU C 116 30.57 -22.42 -39.88
CA GLU C 116 30.67 -22.32 -39.93
C GLU C 116 29.26 -22.21 -40.64
C GLU C 116 29.31 -22.17 -40.64
N PRO C 117 29.12 -21.08 -41.39
CA PRO C 117 27.82 -20.66 -41.97
C PRO C 117 26.86 -21.74 -42.49
N GLY C 118 25.57 -21.55 -42.26
CA GLY C 118 24.53 -22.54 -42.57
C GLY C 118 23.83 -23.07 -41.32
N LEU C 119 23.25 -24.27 -41.44
CA LEU C 119 22.35 -24.82 -40.43
C LEU C 119 23.03 -25.65 -39.36
N HIS C 120 22.69 -25.37 -38.10
CA HIS C 120 23.21 -26.12 -36.94
C HIS C 120 22.08 -26.53 -36.02
N GLY C 121 22.15 -27.78 -35.57
CA GLY C 121 21.26 -28.30 -34.56
C GLY C 121 21.42 -27.57 -33.24
N LEU C 122 20.27 -27.25 -32.63
CA LEU C 122 20.19 -26.62 -31.33
C LEU C 122 19.25 -27.48 -30.50
N HIS C 123 19.70 -27.92 -29.33
CA HIS C 123 18.92 -28.84 -28.49
C HIS C 123 19.14 -28.63 -27.01
N VAL C 124 18.09 -28.84 -26.23
CA VAL C 124 18.24 -28.88 -24.79
C VAL C 124 18.61 -30.31 -24.45
N HIS C 125 19.66 -30.49 -23.68
CA HIS C 125 20.07 -31.80 -23.22
C HIS C 125 19.70 -32.00 -21.75
N GLN C 126 19.86 -33.23 -21.31
CA GLN C 126 19.34 -33.70 -20.05
C GLN C 126 20.00 -33.12 -18.82
N TYR C 127 21.33 -33.05 -18.82
CA TYR C 127 22.09 -32.64 -17.62
C TYR C 127 22.83 -31.33 -17.83
N GLY C 128 23.03 -30.59 -16.76
CA GLY C 128 23.82 -29.37 -16.78
C GLY C 128 25.18 -29.70 -16.22
N ASP C 129 25.85 -30.65 -16.86
CA ASP C 129 27.13 -31.15 -16.39
C ASP C 129 28.19 -30.73 -17.38
N LEU C 130 28.91 -29.67 -17.06
CA LEU C 130 29.97 -29.16 -17.93
C LEU C 130 31.37 -29.69 -17.59
N THR C 131 31.45 -30.80 -16.86
CA THR C 131 32.73 -31.33 -16.40
C THR C 131 33.66 -31.79 -17.54
N ASN C 132 33.07 -32.32 -18.61
CA ASN C 132 33.81 -32.92 -19.71
C ASN C 132 33.42 -32.22 -21.02
N ASN C 133 33.57 -30.90 -21.04
CA ASN C 133 33.03 -30.06 -22.10
C ASN C 133 31.55 -30.41 -22.33
N CYS C 134 31.15 -30.59 -23.59
CA CYS C 134 29.74 -30.73 -23.91
C CYS C 134 29.30 -32.19 -23.97
N ASN C 135 30.18 -33.10 -23.59
CA ASN C 135 29.92 -34.52 -23.77
C ASN C 135 29.39 -35.14 -22.50
N SER C 136 29.59 -34.48 -21.36
CA SER C 136 29.00 -34.91 -20.08
C SER C 136 27.50 -34.56 -19.95
N CYS C 137 26.96 -33.76 -20.87
CA CYS C 137 25.58 -33.25 -20.78
C CYS C 137 24.45 -34.24 -21.07
N GLY C 138 24.77 -35.45 -21.50
CA GLY C 138 23.76 -36.46 -21.73
C GLY C 138 23.00 -36.25 -23.02
N ASN C 139 21.91 -36.98 -23.17
CA ASN C 139 21.11 -36.93 -24.39
C ASN C 139 20.23 -35.71 -24.49
N HIS C 140 19.64 -35.57 -25.66
CA HIS C 140 18.48 -34.72 -25.86
C HIS C 140 17.50 -34.95 -24.73
N PHE C 141 16.97 -33.86 -24.18
CA PHE C 141 16.00 -33.90 -23.09
C PHE C 141 14.71 -34.59 -23.58
N ASN C 142 14.35 -35.71 -22.95
CA ASN C 142 13.27 -36.55 -23.49
C ASN C 142 12.43 -37.25 -22.41
N PRO C 143 11.78 -36.47 -21.55
CA PRO C 143 11.03 -37.06 -20.44
C PRO C 143 9.79 -37.83 -20.89
N ASP C 144 9.28 -37.56 -22.10
CA ASP C 144 8.09 -38.25 -22.61
C ASP C 144 8.40 -39.47 -23.50
N GLY C 145 9.68 -39.87 -23.59
CA GLY C 145 10.08 -41.05 -24.33
C GLY C 145 9.70 -41.06 -25.78
N ALA C 146 9.92 -39.95 -26.44
CA ALA C 146 9.64 -39.81 -27.87
C ALA C 146 10.88 -40.11 -28.68
N SER C 147 10.68 -40.21 -29.99
CA SER C 147 11.77 -40.38 -30.93
C SER C 147 12.18 -38.99 -31.37
N HIS C 148 13.43 -38.81 -31.82
CA HIS C 148 13.91 -37.49 -32.23
C HIS C 148 13.12 -37.01 -33.42
N GLY C 149 12.91 -35.69 -33.46
CA GLY C 149 12.12 -35.03 -34.48
C GLY C 149 12.53 -33.59 -34.65
N GLY C 150 11.81 -32.91 -35.53
CA GLY C 150 11.99 -31.48 -35.79
C GLY C 150 10.89 -30.71 -35.09
N PRO C 151 11.06 -29.39 -34.95
CA PRO C 151 10.10 -28.67 -34.11
C PRO C 151 8.66 -28.68 -34.65
N GLN C 152 8.47 -28.95 -35.93
CA GLN C 152 7.11 -29.09 -36.49
C GLN C 152 6.52 -30.51 -36.35
N ASP C 153 7.08 -31.35 -35.49
CA ASP C 153 6.60 -32.72 -35.26
C ASP C 153 6.06 -32.83 -33.83
N SER C 154 4.87 -33.44 -33.68
CA SER C 154 4.30 -33.71 -32.36
C SER C 154 5.17 -34.71 -31.65
N ASP C 155 5.53 -35.79 -32.35
CA ASP C 155 6.45 -36.78 -31.80
C ASP C 155 7.86 -36.25 -31.95
N ARG C 156 8.39 -35.73 -30.84
CA ARG C 156 9.77 -35.31 -30.76
C ARG C 156 10.25 -35.22 -29.34
N HIS C 157 11.55 -35.07 -29.18
CA HIS C 157 12.14 -34.84 -27.86
C HIS C 157 11.77 -33.43 -27.46
N ARG C 158 11.40 -33.24 -26.20
CA ARG C 158 11.10 -31.91 -25.72
C ARG C 158 12.20 -30.93 -26.09
N GLY C 159 13.43 -31.36 -25.79
CA GLY C 159 14.65 -30.61 -26.12
C GLY C 159 14.93 -30.32 -27.59
N ASP C 160 14.20 -30.92 -28.53
CA ASP C 160 14.42 -30.68 -29.95
C ASP C 160 13.93 -29.31 -30.38
N LEU C 161 14.86 -28.43 -30.75
CA LEU C 161 14.50 -27.09 -31.25
C LEU C 161 14.88 -26.88 -32.71
N GLY C 162 15.22 -27.94 -33.42
CA GLY C 162 15.52 -27.81 -34.85
C GLY C 162 16.83 -27.13 -35.11
N ASN C 163 16.87 -26.31 -36.17
CA ASN C 163 18.13 -25.72 -36.62
C ASN C 163 18.11 -24.22 -36.51
N VAL C 164 19.30 -23.63 -36.47
CA VAL C 164 19.46 -22.17 -36.60
C VAL C 164 20.50 -21.91 -37.67
N ARG C 165 20.33 -20.79 -38.39
CA ARG C 165 21.19 -20.42 -39.51
C ARG C 165 22.25 -19.40 -39.08
N ALA C 166 23.51 -19.78 -39.22
CA ALA C 166 24.63 -18.85 -39.16
C ALA C 166 24.79 -18.09 -40.50
N ASP C 167 24.77 -16.75 -40.45
CA ASP C 167 24.84 -15.91 -41.67
C ASP C 167 26.25 -15.88 -42.29
N ALA C 168 26.41 -15.00 -43.29
CA ALA C 168 27.70 -14.56 -43.85
C ALA C 168 28.89 -14.61 -42.87
N ASP C 169 28.76 -13.85 -41.77
CA ASP C 169 29.85 -13.68 -40.81
C ASP C 169 29.90 -14.76 -39.71
N GLY C 170 29.18 -15.88 -39.85
CA GLY C 170 29.23 -17.00 -38.90
C GLY C 170 28.47 -16.80 -37.57
N ARG C 171 27.34 -16.10 -37.71
CA ARG C 171 26.57 -15.58 -36.59
C ARG C 171 25.12 -15.95 -36.75
N ALA C 172 24.54 -16.63 -35.76
CA ALA C 172 23.11 -17.00 -35.77
C ALA C 172 22.29 -16.12 -34.82
N ILE C 173 21.35 -15.37 -35.40
CA ILE C 173 20.35 -14.61 -34.66
C ILE C 173 19.04 -15.37 -34.86
N PHE C 174 18.32 -15.68 -33.77
CA PHE C 174 17.07 -16.45 -33.90
C PHE C 174 16.04 -16.18 -32.81
N ARG C 175 14.77 -16.28 -33.21
CA ARG C 175 13.64 -16.33 -32.30
C ARG C 175 12.85 -17.59 -32.64
N MET C 176 12.27 -18.20 -31.62
CA MET C 176 11.34 -19.33 -31.82
C MET C 176 10.42 -19.45 -30.61
N GLU C 177 9.24 -19.99 -30.86
CA GLU C 177 8.30 -20.31 -29.80
C GLU C 177 8.17 -21.81 -29.81
N ASP C 178 8.11 -22.41 -28.63
CA ASP C 178 7.97 -23.84 -28.51
C ASP C 178 6.95 -24.08 -27.42
N GLU C 179 6.04 -25.01 -27.71
CA GLU C 179 4.90 -25.31 -26.86
C GLU C 179 5.11 -26.50 -25.89
N GLN C 180 6.05 -27.40 -26.21
N GLN C 180 6.04 -27.40 -26.22
CA GLN C 180 6.41 -28.52 -25.33
CA GLN C 180 6.39 -28.54 -25.37
C GLN C 180 7.46 -28.16 -24.28
C GLN C 180 7.43 -28.16 -24.30
N LEU C 181 8.39 -27.29 -24.65
CA LEU C 181 9.40 -26.81 -23.72
C LEU C 181 8.81 -25.80 -22.72
N LYS C 182 9.30 -25.87 -21.48
CA LYS C 182 8.82 -25.04 -20.38
C LYS C 182 9.94 -24.61 -19.43
N VAL C 183 10.08 -23.32 -19.19
CA VAL C 183 11.24 -22.84 -18.47
C VAL C 183 11.41 -23.53 -17.12
N TRP C 184 10.32 -23.75 -16.41
CA TRP C 184 10.40 -24.34 -15.08
C TRP C 184 10.92 -25.75 -15.15
N ASP C 185 10.66 -26.42 -16.28
CA ASP C 185 11.04 -27.82 -16.50
C ASP C 185 12.47 -28.04 -17.03
N VAL C 186 13.21 -26.97 -17.32
CA VAL C 186 14.59 -27.07 -17.88
C VAL C 186 15.68 -26.27 -17.13
N ILE C 187 15.32 -25.57 -16.06
CA ILE C 187 16.28 -24.90 -15.22
C ILE C 187 17.28 -25.96 -14.74
N GLY C 188 18.55 -25.75 -14.98
CA GLY C 188 19.58 -26.67 -14.51
C GLY C 188 19.95 -27.74 -15.53
N ARG C 189 19.24 -27.76 -16.64
CA ARG C 189 19.61 -28.59 -17.75
C ARG C 189 20.52 -27.77 -18.67
N SER C 190 20.91 -28.31 -19.81
CA SER C 190 21.88 -27.64 -20.70
C SER C 190 21.34 -27.35 -22.09
N LEU C 191 21.78 -26.24 -22.66
CA LEU C 191 21.53 -25.92 -24.06
C LEU C 191 22.82 -26.14 -24.82
N ILE C 192 22.73 -26.81 -25.98
CA ILE C 192 23.88 -27.16 -26.78
C ILE C 192 23.64 -26.84 -28.24
N ILE C 193 24.65 -26.26 -28.89
CA ILE C 193 24.61 -26.06 -30.34
C ILE C 193 25.62 -26.98 -31.02
N ASP C 194 25.26 -27.44 -32.22
CA ASP C 194 25.96 -28.53 -32.89
C ASP C 194 26.75 -28.10 -34.13
N GLU C 195 27.66 -28.99 -34.53
CA GLU C 195 28.59 -28.77 -35.64
C GLU C 195 27.85 -28.55 -36.94
N GLY C 196 26.89 -29.44 -37.21
CA GLY C 196 26.11 -29.37 -38.44
C GLY C 196 24.63 -29.61 -38.26
N GLU C 197 23.95 -29.74 -39.40
CA GLU C 197 22.50 -29.73 -39.48
C GLU C 197 21.86 -30.93 -38.77
N ASP C 198 20.77 -30.65 -38.07
CA ASP C 198 19.84 -31.64 -37.53
C ASP C 198 19.01 -32.06 -38.72
N ASP C 199 18.96 -33.36 -39.02
CA ASP C 199 18.14 -33.87 -40.14
C ASP C 199 16.65 -34.09 -39.82
N LEU C 200 16.24 -33.77 -38.59
CA LEU C 200 14.85 -33.84 -38.17
C LEU C 200 14.27 -35.26 -38.21
N GLY C 201 15.14 -36.26 -38.09
CA GLY C 201 14.77 -37.66 -38.22
C GLY C 201 14.50 -38.15 -39.63
N ARG C 202 14.82 -37.34 -40.64
CA ARG C 202 14.48 -37.65 -42.05
C ARG C 202 15.73 -37.94 -42.89
N GLY C 203 16.79 -38.41 -42.26
CA GLY C 203 18.07 -38.60 -42.94
C GLY C 203 18.37 -40.00 -43.38
N GLY C 204 17.70 -40.98 -42.79
CA GLY C 204 18.03 -42.39 -43.02
C GLY C 204 19.44 -42.73 -42.56
N HIS C 205 19.85 -42.15 -41.44
CA HIS C 205 21.13 -42.45 -40.79
C HIS C 205 20.76 -43.18 -39.50
N PRO C 206 21.67 -43.98 -38.92
CA PRO C 206 21.29 -44.62 -37.64
C PRO C 206 21.00 -43.63 -36.53
N LEU C 207 21.64 -42.46 -36.59
CA LEU C 207 21.43 -41.40 -35.59
C LEU C 207 20.17 -40.54 -35.78
N SER C 208 19.55 -40.59 -36.97
CA SER C 208 18.39 -39.76 -37.28
C SER C 208 17.30 -39.80 -36.19
N LYS C 209 16.87 -41.00 -35.81
CA LYS C 209 15.82 -41.17 -34.79
C LYS C 209 16.30 -40.90 -33.34
N ILE C 210 17.55 -40.46 -33.19
CA ILE C 210 18.18 -40.31 -31.88
C ILE C 210 18.79 -38.89 -31.67
N THR C 211 19.57 -38.38 -32.62
CA THR C 211 20.13 -37.03 -32.53
C THR C 211 19.91 -36.14 -33.76
N GLY C 212 19.31 -36.71 -34.81
CA GLY C 212 19.27 -36.07 -36.11
C GLY C 212 20.61 -35.89 -36.79
N ASN C 213 21.64 -36.64 -36.34
CA ASN C 213 22.95 -36.69 -37.02
C ASN C 213 23.66 -35.35 -37.05
N SER C 214 23.58 -34.62 -35.94
CA SER C 214 23.91 -33.19 -35.92
C SER C 214 25.42 -32.89 -35.78
N GLY C 215 26.19 -33.86 -35.34
CA GLY C 215 27.65 -33.77 -35.39
C GLY C 215 28.28 -33.64 -34.02
N GLU C 216 29.43 -33.00 -33.96
CA GLU C 216 30.06 -32.71 -32.68
C GLU C 216 29.25 -31.62 -31.99
N ARG C 217 29.29 -31.64 -30.67
CA ARG C 217 28.66 -30.61 -29.88
C ARG C 217 29.71 -29.50 -29.69
N LEU C 218 29.48 -28.32 -30.28
CA LEU C 218 30.49 -27.25 -30.26
C LEU C 218 30.52 -26.48 -28.96
N ALA C 219 29.35 -26.07 -28.48
CA ALA C 219 29.27 -25.22 -27.32
C ALA C 219 27.97 -25.48 -26.55
N CYS C 220 28.08 -25.32 -25.23
CA CYS C 220 26.99 -25.59 -24.32
C CYS C 220 27.03 -24.62 -23.17
N GLY C 221 25.84 -24.37 -22.61
CA GLY C 221 25.67 -23.68 -21.34
C GLY C 221 24.57 -24.35 -20.52
N ILE C 222 24.55 -24.05 -19.22
CA ILE C 222 23.43 -24.46 -18.35
C ILE C 222 22.33 -23.41 -18.44
N ILE C 223 21.09 -23.91 -18.53
CA ILE C 223 19.92 -23.07 -18.56
C ILE C 223 19.67 -22.60 -17.13
N ALA C 224 20.00 -21.32 -16.91
CA ALA C 224 20.12 -20.75 -15.56
C ALA C 224 18.98 -19.80 -15.26
N ARG C 225 18.63 -19.70 -13.97
CA ARG C 225 17.59 -18.77 -13.54
C ARG C 225 18.08 -17.37 -13.78
N SER C 226 17.26 -16.55 -14.44
CA SER C 226 17.56 -15.13 -14.69
C SER C 226 16.58 -14.22 -13.94
N ALA C 227 17.07 -13.06 -13.53
CA ALA C 227 16.28 -12.15 -12.74
C ALA C 227 15.04 -11.65 -13.45
N GLY C 228 15.07 -11.52 -14.77
CA GLY C 228 13.93 -10.93 -15.46
C GLY C 228 13.92 -9.44 -15.20
N LEU C 229 13.14 -8.73 -16.00
CA LEU C 229 13.16 -7.28 -15.98
C LEU C 229 12.36 -6.75 -14.81
N PHE C 230 11.38 -7.53 -14.34
CA PHE C 230 10.40 -7.06 -13.39
C PHE C 230 10.55 -7.67 -12.03
N GLN C 231 10.25 -6.88 -11.01
CA GLN C 231 10.24 -7.34 -9.64
C GLN C 231 9.02 -8.20 -9.35
N ASN C 232 9.11 -8.91 -8.25
CA ASN C 232 8.02 -9.73 -7.76
C ASN C 232 6.86 -8.80 -7.47
N PRO C 233 5.65 -9.20 -7.84
CA PRO C 233 4.47 -8.42 -7.46
C PRO C 233 4.35 -8.20 -5.97
N LYS C 234 3.64 -7.16 -5.58
CA LYS C 234 3.43 -6.82 -4.17
C LYS C 234 1.98 -6.40 -4.02
N GLN C 235 1.34 -6.94 -2.98
CA GLN C 235 -0.04 -6.56 -2.67
C GLN C 235 0.07 -5.20 -2.00
N ILE C 236 -0.72 -4.25 -2.46
CA ILE C 236 -0.69 -2.89 -1.90
C ILE C 236 -1.97 -2.53 -1.15
N CYS C 237 -3.00 -3.36 -1.26
CA CYS C 237 -4.33 -3.04 -0.77
C CYS C 237 -5.23 -4.26 -0.93
N SER C 238 -6.09 -4.52 0.05
CA SER C 238 -7.13 -5.55 -0.13
C SER C 238 -8.49 -5.16 0.45
N CYS C 239 -9.50 -5.93 0.07
CA CYS C 239 -10.78 -5.91 0.77
C CYS C 239 -11.46 -7.28 0.69
N ASP C 240 -12.79 -7.34 0.68
CA ASP C 240 -13.51 -8.60 0.58
C ASP C 240 -13.60 -8.94 -0.91
N GLY C 241 -12.83 -9.94 -1.32
CA GLY C 241 -12.81 -10.39 -2.71
C GLY C 241 -12.21 -9.39 -3.68
N LEU C 242 -11.19 -8.66 -3.24
CA LEU C 242 -10.36 -7.80 -4.13
C LEU C 242 -8.98 -7.57 -3.56
N THR C 243 -7.98 -7.70 -4.40
CA THR C 243 -6.62 -7.33 -4.05
C THR C 243 -6.02 -6.52 -5.19
N ILE C 244 -5.12 -5.62 -4.81
CA ILE C 244 -4.52 -4.66 -5.72
C ILE C 244 -3.03 -4.88 -5.59
N TRP C 245 -2.38 -5.06 -6.73
CA TRP C 245 -0.98 -5.44 -6.75
C TRP C 245 -0.22 -4.43 -7.57
N GLU C 246 1.00 -4.12 -7.11
CA GLU C 246 1.95 -3.28 -7.83
C GLU C 246 3.00 -4.18 -8.48
N GLU C 247 3.44 -3.83 -9.69
CA GLU C 247 4.58 -4.52 -10.29
C GLU C 247 5.53 -3.56 -10.97
N ARG C 248 6.68 -3.31 -10.34
CA ARG C 248 7.70 -2.38 -10.85
C ARG C 248 8.85 -3.14 -11.55
N GLY C 249 9.35 -2.58 -12.65
CA GLY C 249 10.62 -3.05 -13.24
C GLY C 249 11.78 -2.87 -12.29
N ARG C 250 12.84 -3.67 -12.50
CA ARG C 250 14.07 -3.59 -11.70
C ARG C 250 14.83 -2.31 -12.01
N PRO C 251 15.48 -1.72 -10.99
CA PRO C 251 16.34 -0.57 -11.29
C PRO C 251 17.68 -0.94 -11.95
N ILE C 252 18.53 -1.73 -11.29
CA ILE C 252 19.78 -2.27 -11.86
C ILE C 252 20.48 -3.22 -10.88
N ALA D 1 15.76 -33.63 -8.31
CA ALA D 1 17.24 -33.78 -8.48
C ALA D 1 17.89 -34.43 -7.27
N THR D 2 18.52 -35.58 -7.50
CA THR D 2 19.31 -36.23 -6.49
C THR D 2 20.72 -35.63 -6.50
N LYS D 3 21.30 -35.50 -7.67
CA LYS D 3 22.66 -34.99 -7.79
C LYS D 3 22.69 -33.74 -8.64
N ALA D 4 23.67 -32.88 -8.38
CA ALA D 4 23.92 -31.71 -9.20
C ALA D 4 25.41 -31.41 -9.24
N VAL D 5 25.81 -30.47 -10.08
CA VAL D 5 27.23 -30.21 -10.28
C VAL D 5 27.47 -28.77 -10.69
N CYS D 6 28.65 -28.25 -10.35
CA CYS D 6 29.03 -26.89 -10.73
C CYS D 6 30.48 -26.90 -11.14
N VAL D 7 30.79 -26.12 -12.18
CA VAL D 7 32.13 -25.97 -12.69
C VAL D 7 32.51 -24.51 -12.51
N LEU D 8 33.43 -24.26 -11.58
CA LEU D 8 33.85 -22.91 -11.25
C LEU D 8 34.92 -22.46 -12.21
N LYS D 9 34.79 -21.24 -12.72
CA LYS D 9 35.77 -20.66 -13.62
C LYS D 9 35.75 -19.15 -13.54
N GLY D 10 36.86 -18.52 -13.91
CA GLY D 10 36.97 -17.07 -13.98
C GLY D 10 37.97 -16.68 -15.05
N ASP D 11 38.50 -15.47 -14.93
CA ASP D 11 39.59 -15.01 -15.79
C ASP D 11 40.94 -15.43 -15.20
N GLY D 12 41.11 -15.23 -13.90
CA GLY D 12 42.31 -15.67 -13.19
C GLY D 12 42.41 -17.17 -13.01
N PRO D 13 43.48 -17.65 -12.35
CA PRO D 13 43.83 -19.07 -12.27
C PRO D 13 42.87 -19.96 -11.47
N VAL D 14 42.03 -19.35 -10.64
CA VAL D 14 40.96 -20.06 -9.92
C VAL D 14 40.02 -20.88 -10.80
N GLN D 15 39.87 -22.15 -10.45
CA GLN D 15 38.96 -23.09 -11.13
C GLN D 15 38.69 -24.30 -10.25
N GLY D 16 37.61 -25.03 -10.55
CA GLY D 16 37.27 -26.21 -9.77
C GLY D 16 35.96 -26.87 -10.15
N ILE D 17 35.67 -27.96 -9.43
CA ILE D 17 34.48 -28.78 -9.66
C ILE D 17 33.86 -29.10 -8.31
N ILE D 18 32.58 -28.77 -8.14
CA ILE D 18 31.85 -29.02 -6.91
C ILE D 18 30.66 -29.92 -7.25
N ASN D 19 30.49 -31.00 -6.50
CA ASN D 19 29.30 -31.84 -6.62
C ASN D 19 28.33 -31.67 -5.46
N PHE D 20 27.05 -31.84 -5.75
CA PHE D 20 26.03 -31.84 -4.73
C PHE D 20 25.29 -33.17 -4.81
N GLU D 21 24.84 -33.66 -3.66
CA GLU D 21 24.04 -34.88 -3.60
C GLU D 21 23.09 -34.78 -2.41
N GLN D 22 21.87 -35.27 -2.60
CA GLN D 22 20.80 -35.24 -1.59
C GLN D 22 20.02 -36.54 -1.74
N LYS D 23 19.87 -37.28 -0.67
CA LYS D 23 19.28 -38.62 -0.72
C LYS D 23 17.86 -38.64 -0.15
N GLU D 24 17.55 -37.77 0.81
CA GLU D 24 16.19 -37.62 1.34
C GLU D 24 15.56 -36.28 0.92
N SER D 25 14.23 -36.28 0.81
CA SER D 25 13.49 -35.16 0.21
C SER D 25 13.86 -33.79 0.76
N ASN D 26 13.47 -33.50 1.99
CA ASN D 26 14.03 -32.37 2.69
C ASN D 26 15.06 -32.95 3.64
N GLY D 27 16.15 -33.43 3.04
CA GLY D 27 17.26 -33.95 3.80
C GLY D 27 18.41 -32.97 3.69
N PRO D 28 19.59 -33.38 4.19
CA PRO D 28 20.82 -32.63 3.99
C PRO D 28 21.41 -32.84 2.61
N VAL D 29 22.27 -31.92 2.22
CA VAL D 29 22.97 -31.95 0.96
C VAL D 29 24.46 -32.10 1.25
N LYS D 30 25.09 -33.16 0.73
CA LYS D 30 26.55 -33.29 0.77
C LYS D 30 27.12 -32.42 -0.34
N VAL D 31 28.10 -31.59 0.00
CA VAL D 31 28.78 -30.77 -0.98
C VAL D 31 30.25 -31.15 -0.95
N TRP D 32 30.82 -31.47 -2.11
CA TRP D 32 32.21 -31.88 -2.17
C TRP D 32 32.88 -31.66 -3.53
N GLY D 33 34.18 -31.41 -3.49
CA GLY D 33 34.91 -31.10 -4.70
C GLY D 33 36.30 -30.56 -4.40
N SER D 34 36.86 -29.84 -5.35
CA SER D 34 38.17 -29.21 -5.19
C SER D 34 38.19 -27.87 -5.93
N ILE D 35 39.04 -26.97 -5.49
CA ILE D 35 39.27 -25.72 -6.21
C ILE D 35 40.77 -25.41 -6.17
N LYS D 36 41.42 -25.42 -7.34
CA LYS D 36 42.82 -24.98 -7.46
C LYS D 36 42.94 -23.48 -7.73
N GLY D 37 44.15 -22.95 -7.57
CA GLY D 37 44.49 -21.59 -8.01
C GLY D 37 44.20 -20.48 -7.01
N LEU D 38 43.90 -20.85 -5.77
CA LEU D 38 43.49 -19.87 -4.78
C LEU D 38 44.70 -19.36 -4.01
N THR D 39 44.54 -18.18 -3.41
CA THR D 39 45.51 -17.69 -2.43
C THR D 39 45.36 -18.59 -1.20
N GLU D 40 46.44 -18.78 -0.44
CA GLU D 40 46.37 -19.51 0.82
C GLU D 40 45.45 -18.77 1.80
N GLY D 41 44.88 -19.53 2.75
CA GLY D 41 43.92 -19.00 3.73
C GLY D 41 42.46 -19.27 3.36
N LEU D 42 41.56 -18.48 3.94
CA LEU D 42 40.12 -18.72 3.83
C LEU D 42 39.46 -17.89 2.74
N HIS D 43 38.50 -18.51 2.06
CA HIS D 43 37.74 -17.84 1.00
C HIS D 43 36.25 -18.11 1.16
N GLY D 44 35.45 -17.06 1.03
CA GLY D 44 33.99 -17.16 1.02
C GLY D 44 33.45 -18.08 -0.08
N PHE D 45 32.31 -18.72 0.20
CA PHE D 45 31.75 -19.80 -0.63
C PHE D 45 30.21 -19.71 -0.61
N HIS D 46 29.63 -19.16 -1.69
CA HIS D 46 28.25 -18.68 -1.67
C HIS D 46 27.43 -19.08 -2.88
N VAL D 47 26.20 -19.50 -2.64
CA VAL D 47 25.22 -19.60 -3.70
C VAL D 47 24.51 -18.24 -3.81
N HIS D 48 24.74 -17.52 -4.92
CA HIS D 48 24.05 -16.26 -5.20
C HIS D 48 22.72 -16.56 -5.87
N GLU D 49 21.84 -15.56 -5.94
CA GLU D 49 20.41 -15.78 -6.22
C GLU D 49 20.13 -16.30 -7.63
N PHE D 50 20.64 -15.60 -8.63
CA PHE D 50 20.40 -15.95 -10.01
C PHE D 50 21.61 -16.61 -10.63
N GLY D 51 21.36 -17.34 -11.71
CA GLY D 51 22.41 -17.99 -12.48
C GLY D 51 22.88 -17.17 -13.68
N ASP D 52 22.26 -16.01 -13.89
CA ASP D 52 22.47 -15.21 -15.07
C ASP D 52 23.78 -14.51 -14.87
N ASN D 53 24.79 -14.91 -15.64
CA ASN D 53 26.13 -14.32 -15.60
C ASN D 53 26.44 -13.59 -16.91
N THR D 54 25.41 -13.01 -17.54
CA THR D 54 25.64 -12.18 -18.73
C THR D 54 26.44 -10.94 -18.34
N ALA D 55 26.23 -10.46 -17.10
CA ALA D 55 26.92 -9.27 -16.56
C ALA D 55 27.76 -9.52 -15.28
N GLY D 56 28.24 -10.75 -15.10
CA GLY D 56 29.07 -11.07 -13.92
C GLY D 56 28.28 -11.16 -12.61
N ALA D 57 28.89 -10.76 -11.50
CA ALA D 57 28.24 -10.84 -10.18
C ALA D 57 27.17 -9.76 -9.95
N THR D 58 27.04 -8.80 -10.89
CA THR D 58 25.94 -7.82 -10.86
C THR D 58 24.60 -8.43 -11.34
N SER D 59 24.66 -9.34 -12.32
CA SER D 59 23.46 -10.04 -12.82
C SER D 59 23.09 -11.28 -12.00
N ALA D 60 24.11 -12.02 -11.51
CA ALA D 60 23.90 -13.13 -10.55
C ALA D 60 23.35 -12.60 -9.23
N GLY D 61 23.87 -11.44 -8.85
CA GLY D 61 23.27 -10.63 -7.80
C GLY D 61 23.67 -11.09 -6.41
N PRO D 62 22.77 -10.89 -5.44
CA PRO D 62 23.09 -11.13 -4.05
C PRO D 62 23.05 -12.58 -3.66
N HIS D 63 23.46 -12.82 -2.42
CA HIS D 63 23.40 -14.12 -1.80
C HIS D 63 21.96 -14.59 -1.85
N PHE D 64 21.76 -15.84 -2.23
CA PHE D 64 20.42 -16.44 -2.32
C PHE D 64 19.71 -16.40 -0.98
N ASN D 65 18.62 -15.62 -0.90
CA ASN D 65 17.99 -15.30 0.36
C ASN D 65 16.46 -15.27 0.26
N PRO D 66 15.83 -16.45 0.17
CA PRO D 66 14.37 -16.50 0.08
C PRO D 66 13.60 -16.14 1.35
N LEU D 67 14.27 -16.05 2.51
CA LEU D 67 13.61 -15.69 3.78
C LEU D 67 13.99 -14.29 4.30
N SER D 68 14.49 -13.43 3.42
CA SER D 68 14.91 -12.05 3.75
C SER D 68 15.70 -11.81 5.07
N ARG D 69 16.66 -12.67 5.36
CA ARG D 69 17.45 -12.57 6.59
C ARG D 69 18.82 -11.89 6.38
N LYS D 70 19.54 -11.74 7.50
CA LYS D 70 20.89 -11.18 7.49
C LYS D 70 21.91 -12.29 7.22
N HIS D 71 23.06 -11.90 6.66
CA HIS D 71 24.15 -12.83 6.36
C HIS D 71 24.70 -13.47 7.62
N GLY D 72 25.10 -14.74 7.50
CA GLY D 72 25.64 -15.50 8.62
C GLY D 72 26.51 -16.64 8.15
N GLY D 73 27.09 -17.35 9.10
CA GLY D 73 27.81 -18.58 8.82
C GLY D 73 26.81 -19.70 8.60
N PRO D 74 27.27 -20.85 8.05
CA PRO D 74 26.34 -21.95 7.87
C PRO D 74 25.78 -22.45 9.19
N LYS D 75 26.60 -22.41 10.26
CA LYS D 75 26.17 -22.89 11.59
C LYS D 75 25.15 -21.97 12.31
N ASP D 76 24.97 -20.72 11.87
CA ASP D 76 24.01 -19.78 12.49
C ASP D 76 22.54 -20.08 12.09
N GLU D 77 21.62 -19.72 12.98
CA GLU D 77 20.18 -19.82 12.72
C GLU D 77 19.78 -18.65 11.80
N GLU D 78 20.35 -17.47 12.04
CA GLU D 78 20.15 -16.31 11.19
C GLU D 78 21.22 -16.38 10.11
N ARG D 79 20.79 -16.65 8.89
CA ARG D 79 21.67 -16.77 7.71
C ARG D 79 20.88 -16.67 6.42
N HIS D 80 21.58 -16.45 5.32
CA HIS D 80 21.00 -16.62 4.00
C HIS D 80 21.07 -18.11 3.69
N VAL D 81 20.18 -18.57 2.82
CA VAL D 81 20.20 -19.96 2.38
C VAL D 81 21.54 -20.25 1.72
N GLY D 82 21.96 -19.36 0.82
CA GLY D 82 23.23 -19.49 0.12
C GLY D 82 24.53 -19.47 0.93
N ASP D 83 24.47 -19.18 2.23
CA ASP D 83 25.67 -19.05 3.04
C ASP D 83 26.25 -20.40 3.45
N LEU D 84 27.35 -20.81 2.81
CA LEU D 84 28.08 -22.04 3.13
C LEU D 84 29.47 -21.74 3.74
N GLY D 85 29.67 -20.49 4.16
CA GLY D 85 30.82 -20.12 4.95
C GLY D 85 32.08 -20.02 4.13
N ASN D 86 33.08 -20.82 4.51
CA ASN D 86 34.45 -20.66 3.99
C ASN D 86 34.99 -21.98 3.49
N VAL D 87 36.03 -21.89 2.66
CA VAL D 87 36.84 -23.04 2.29
C VAL D 87 38.31 -22.72 2.58
N THR D 88 39.03 -23.73 3.06
CA THR D 88 40.43 -23.56 3.46
C THR D 88 41.32 -23.92 2.25
N ALA D 89 42.01 -22.91 1.72
CA ALA D 89 42.98 -23.07 0.63
C ALA D 89 44.38 -23.19 1.21
N ASP D 90 45.06 -24.30 0.88
CA ASP D 90 46.34 -24.64 1.52
C ASP D 90 47.54 -23.84 0.90
N LYS D 91 48.78 -24.26 1.21
CA LYS D 91 49.97 -23.57 0.72
C LYS D 91 50.09 -23.61 -0.82
N ASP D 92 49.76 -24.76 -1.41
CA ASP D 92 49.77 -24.95 -2.87
C ASP D 92 48.63 -24.24 -3.61
N GLY D 93 47.61 -23.78 -2.88
CA GLY D 93 46.49 -23.02 -3.44
C GLY D 93 45.23 -23.84 -3.71
N VAL D 94 45.23 -25.10 -3.24
CA VAL D 94 44.08 -26.01 -3.34
C VAL D 94 43.25 -26.00 -2.06
N ALA D 95 41.92 -25.96 -2.25
CA ALA D 95 40.97 -26.20 -1.19
C ALA D 95 40.22 -27.49 -1.53
N ASP D 96 40.38 -28.51 -0.71
CA ASP D 96 39.65 -29.76 -0.88
C ASP D 96 38.37 -29.55 -0.07
N VAL D 97 37.25 -29.32 -0.77
CA VAL D 97 36.00 -28.96 -0.08
C VAL D 97 35.22 -30.20 0.32
N SER D 98 34.71 -30.20 1.54
CA SER D 98 33.74 -31.22 1.98
C SER D 98 32.85 -30.68 3.08
N ILE D 99 31.55 -30.69 2.80
CA ILE D 99 30.56 -29.95 3.58
C ILE D 99 29.25 -30.74 3.61
N GLU D 100 28.53 -30.60 4.71
CA GLU D 100 27.15 -31.03 4.79
C GLU D 100 26.31 -29.82 5.22
N ASP D 101 25.11 -29.69 4.65
CA ASP D 101 24.27 -28.53 4.90
C ASP D 101 22.82 -28.90 4.63
N SER D 102 21.95 -28.60 5.62
CA SER D 102 20.53 -28.95 5.56
C SER D 102 19.60 -27.74 5.36
N VAL D 103 20.14 -26.63 4.89
CA VAL D 103 19.35 -25.45 4.61
C VAL D 103 19.22 -25.24 3.10
N ILE D 104 20.31 -25.46 2.37
CA ILE D 104 20.20 -25.62 0.92
C ILE D 104 19.47 -26.93 0.64
N SER D 105 18.82 -27.00 -0.51
CA SER D 105 18.22 -28.24 -0.99
C SER D 105 18.43 -28.30 -2.49
N LEU D 106 18.09 -29.45 -3.07
CA LEU D 106 18.04 -29.60 -4.53
C LEU D 106 16.59 -29.66 -5.01
N SER D 107 15.69 -29.09 -4.21
CA SER D 107 14.26 -29.05 -4.52
C SER D 107 13.53 -28.15 -3.53
N GLY D 108 12.32 -27.74 -3.91
CA GLY D 108 11.54 -26.85 -3.08
C GLY D 108 12.05 -25.43 -3.06
N ASP D 109 11.61 -24.67 -2.07
CA ASP D 109 11.82 -23.23 -2.09
C ASP D 109 13.25 -22.85 -1.86
N HIS D 110 14.06 -23.77 -1.31
CA HIS D 110 15.48 -23.50 -1.14
C HIS D 110 16.35 -24.18 -2.21
N CYS D 111 15.76 -24.53 -3.36
CA CYS D 111 16.49 -25.23 -4.42
C CYS D 111 17.57 -24.32 -5.01
N ILE D 112 18.82 -24.77 -4.96
CA ILE D 112 19.98 -24.02 -5.53
C ILE D 112 20.24 -24.27 -7.01
N ILE D 113 19.64 -25.31 -7.57
CA ILE D 113 19.83 -25.61 -8.97
C ILE D 113 19.40 -24.40 -9.83
N GLY D 114 20.24 -24.05 -10.79
CA GLY D 114 19.97 -22.94 -11.67
C GLY D 114 20.51 -21.62 -11.16
N ARG D 115 21.15 -21.64 -10.00
CA ARG D 115 21.74 -20.45 -9.41
C ARG D 115 23.24 -20.54 -9.54
N THR D 116 23.94 -19.45 -9.22
CA THR D 116 25.39 -19.38 -9.37
C THR D 116 26.13 -19.66 -8.06
N LEU D 117 26.99 -20.68 -8.07
CA LEU D 117 27.97 -20.88 -6.98
C LEU D 117 29.20 -20.02 -7.25
N VAL D 118 29.76 -19.44 -6.19
CA VAL D 118 30.85 -18.47 -6.28
C VAL D 118 31.90 -18.65 -5.17
N VAL D 119 33.17 -18.69 -5.54
CA VAL D 119 34.25 -18.61 -4.56
C VAL D 119 34.74 -17.15 -4.56
N HIS D 120 34.69 -16.51 -3.40
CA HIS D 120 35.01 -15.07 -3.27
C HIS D 120 36.48 -14.86 -2.85
N GLU D 121 36.96 -13.63 -3.02
CA GLU D 121 38.37 -13.22 -2.77
C GLU D 121 38.84 -13.40 -1.32
N LYS D 122 38.28 -12.60 -0.40
CA LYS D 122 38.60 -12.67 1.03
C LYS D 122 37.76 -13.73 1.73
N ALA D 123 38.05 -13.93 3.02
CA ALA D 123 37.25 -14.83 3.86
C ALA D 123 35.89 -14.25 4.29
N ASP D 124 34.95 -15.15 4.49
CA ASP D 124 33.60 -14.82 4.97
C ASP D 124 33.72 -14.55 6.46
N ASP D 125 33.43 -13.32 6.88
CA ASP D 125 33.43 -13.00 8.32
C ASP D 125 32.20 -13.52 9.11
N LEU D 126 31.31 -14.27 8.45
CA LEU D 126 30.12 -14.88 9.10
C LEU D 126 29.13 -13.86 9.68
N GLY D 127 29.13 -12.63 9.15
CA GLY D 127 28.29 -11.54 9.67
C GLY D 127 28.72 -10.93 11.00
N LYS D 128 29.89 -11.31 11.49
CA LYS D 128 30.33 -10.98 12.86
C LYS D 128 31.35 -9.81 12.92
N GLY D 129 31.80 -9.31 11.76
CA GLY D 129 32.71 -8.15 11.70
C GLY D 129 32.07 -6.79 11.99
N GLY D 130 30.76 -6.75 12.22
CA GLY D 130 30.09 -5.59 12.79
C GLY D 130 30.03 -4.36 11.92
N ASN D 131 29.43 -4.46 10.73
CA ASN D 131 29.04 -3.29 9.91
C ASN D 131 27.96 -3.69 8.90
N GLU D 132 27.43 -2.72 8.12
CA GLU D 132 26.35 -3.00 7.16
C GLU D 132 26.76 -4.03 6.10
N GLU D 133 27.99 -3.90 5.59
CA GLU D 133 28.49 -4.84 4.60
C GLU D 133 28.66 -6.25 5.14
N SER D 134 29.07 -6.38 6.40
CA SER D 134 29.20 -7.71 7.02
C SER D 134 27.89 -8.54 6.99
N THR D 135 26.73 -7.89 7.09
CA THR D 135 25.45 -8.62 7.08
C THR D 135 24.75 -8.66 5.70
N LYS D 136 25.45 -8.26 4.64
CA LYS D 136 25.07 -8.61 3.27
C LYS D 136 26.03 -9.68 2.69
N THR D 137 27.33 -9.39 2.70
CA THR D 137 28.34 -10.21 2.00
C THR D 137 29.34 -10.90 2.93
N GLY D 138 29.38 -10.56 4.21
CA GLY D 138 30.47 -11.01 5.09
C GLY D 138 31.87 -10.60 4.65
N ASN D 139 31.95 -9.46 3.96
CA ASN D 139 33.20 -8.85 3.50
C ASN D 139 34.18 -9.86 2.91
N ALA D 140 33.66 -10.71 2.04
CA ALA D 140 34.51 -11.59 1.22
C ALA D 140 34.85 -10.91 -0.10
N GLY D 141 34.17 -9.79 -0.38
CA GLY D 141 34.52 -8.95 -1.53
C GLY D 141 34.26 -9.62 -2.87
N SER D 142 35.18 -9.44 -3.80
CA SER D 142 34.94 -9.77 -5.20
C SER D 142 34.97 -11.27 -5.53
N ARG D 143 34.23 -11.61 -6.58
CA ARG D 143 34.21 -12.93 -7.18
C ARG D 143 35.61 -13.30 -7.67
N LEU D 144 36.05 -14.53 -7.42
CA LEU D 144 37.26 -15.07 -8.08
C LEU D 144 36.84 -15.97 -9.21
N ALA D 145 36.04 -16.99 -8.89
CA ALA D 145 35.53 -17.96 -9.88
C ALA D 145 34.09 -18.35 -9.61
N ALA D 146 33.32 -18.60 -10.66
CA ALA D 146 31.90 -18.91 -10.51
C ALA D 146 31.33 -19.77 -11.62
N GLY D 147 30.21 -20.42 -11.31
CA GLY D 147 29.51 -21.26 -12.26
C GLY D 147 28.10 -21.55 -11.83
N VAL D 148 27.27 -21.88 -12.81
CA VAL D 148 25.88 -22.24 -12.56
C VAL D 148 25.82 -23.67 -12.04
N ILE D 149 25.02 -23.88 -11.00
CA ILE D 149 24.78 -25.22 -10.45
C ILE D 149 23.78 -25.91 -11.36
N GLY D 150 24.20 -27.00 -11.99
CA GLY D 150 23.36 -27.74 -12.95
C GLY D 150 23.01 -29.13 -12.46
N ILE D 151 21.95 -29.70 -13.04
CA ILE D 151 21.53 -31.06 -12.72
C ILE D 151 22.56 -32.02 -13.26
N ALA D 152 22.79 -33.09 -12.50
CA ALA D 152 23.80 -34.08 -12.80
C ALA D 152 23.19 -35.45 -12.78
N GLN D 153 23.85 -36.38 -13.48
CA GLN D 153 23.36 -37.76 -13.58
C GLN D 153 23.62 -38.53 -12.29
#